data_5ZT2
# 
_entry.id   5ZT2 
# 
_audit_conform.dict_name       mmcif_pdbx.dic 
_audit_conform.dict_version    5.387 
_audit_conform.dict_location   http://mmcif.pdb.org/dictionaries/ascii/mmcif_pdbx.dic 
# 
loop_
_database_2.database_id 
_database_2.database_code 
_database_2.pdbx_database_accession 
_database_2.pdbx_DOI 
PDB   5ZT2         pdb_00005zt2 10.2210/pdb5zt2/pdb 
WWPDB D_1300007600 ?            ?                   
# 
loop_
_pdbx_audit_revision_history.ordinal 
_pdbx_audit_revision_history.data_content_type 
_pdbx_audit_revision_history.major_revision 
_pdbx_audit_revision_history.minor_revision 
_pdbx_audit_revision_history.revision_date 
1 'Structure model' 1 0 2019-05-15 
2 'Structure model' 1 1 2019-05-22 
3 'Structure model' 1 2 2024-03-27 
# 
_pdbx_audit_revision_details.ordinal             1 
_pdbx_audit_revision_details.revision_ordinal    1 
_pdbx_audit_revision_details.data_content_type   'Structure model' 
_pdbx_audit_revision_details.provider            repository 
_pdbx_audit_revision_details.type                'Initial release' 
_pdbx_audit_revision_details.description         ? 
_pdbx_audit_revision_details.details             ? 
# 
loop_
_pdbx_audit_revision_group.ordinal 
_pdbx_audit_revision_group.revision_ordinal 
_pdbx_audit_revision_group.data_content_type 
_pdbx_audit_revision_group.group 
1 2 'Structure model' 'Data collection'      
2 2 'Structure model' 'Derived calculations' 
3 3 'Structure model' 'Data collection'      
4 3 'Structure model' 'Database references'  
5 3 'Structure model' 'Derived calculations' 
# 
loop_
_pdbx_audit_revision_category.ordinal 
_pdbx_audit_revision_category.revision_ordinal 
_pdbx_audit_revision_category.data_content_type 
_pdbx_audit_revision_category.category 
1 2 'Structure model' pdbx_struct_assembly      
2 2 'Structure model' pdbx_struct_assembly_gen  
3 2 'Structure model' pdbx_struct_assembly_prop 
4 2 'Structure model' pdbx_struct_oper_list     
5 3 'Structure model' chem_comp_atom            
6 3 'Structure model' chem_comp_bond            
7 3 'Structure model' database_2                
8 3 'Structure model' pdbx_struct_conn_angle    
9 3 'Structure model' struct_conn               
# 
loop_
_pdbx_audit_revision_item.ordinal 
_pdbx_audit_revision_item.revision_ordinal 
_pdbx_audit_revision_item.data_content_type 
_pdbx_audit_revision_item.item 
1  2 'Structure model' '_pdbx_struct_assembly.details'             
2  2 'Structure model' '_pdbx_struct_assembly.method_details'      
3  2 'Structure model' '_pdbx_struct_assembly.oligomeric_count'    
4  2 'Structure model' '_pdbx_struct_assembly.oligomeric_details'  
5  3 'Structure model' '_database_2.pdbx_DOI'                      
6  3 'Structure model' '_database_2.pdbx_database_accession'       
7  3 'Structure model' '_pdbx_struct_conn_angle.ptnr1_auth_seq_id' 
8  3 'Structure model' '_pdbx_struct_conn_angle.ptnr3_auth_seq_id' 
9  3 'Structure model' '_pdbx_struct_conn_angle.value'             
10 3 'Structure model' '_struct_conn.pdbx_dist_value'              
11 3 'Structure model' '_struct_conn.ptnr2_auth_seq_id'            
# 
_pdbx_database_PDB_obs_spr.id               SPRSDE 
_pdbx_database_PDB_obs_spr.date             2019-05-15 
_pdbx_database_PDB_obs_spr.pdb_id           5ZT2 
_pdbx_database_PDB_obs_spr.replace_pdb_id   4QNO 
_pdbx_database_PDB_obs_spr.details          ? 
# 
_pdbx_database_status.status_code                     REL 
_pdbx_database_status.status_code_sf                  REL 
_pdbx_database_status.status_code_mr                  ? 
_pdbx_database_status.entry_id                        5ZT2 
_pdbx_database_status.recvd_initial_deposition_date   2018-05-01 
_pdbx_database_status.SG_entry                        N 
_pdbx_database_status.deposit_site                    PDBJ 
_pdbx_database_status.process_site                    PDBJ 
_pdbx_database_status.status_code_cs                  ? 
_pdbx_database_status.methods_development_category    ? 
_pdbx_database_status.pdb_format_compatible           Y 
_pdbx_database_status.status_code_nmr_data            ? 
# 
loop_
_audit_author.name 
_audit_author.pdbx_ordinal 
_audit_author.identifier_ORCID 
'Hou, M.H.'     1 ? 
'Wu, P.C.'      2 ? 
'Satange, R.B.' 3 ? 
'Chen, Y.W.'    4 ? 
# 
loop_
_citation.abstract 
_citation.abstract_id_CAS 
_citation.book_id_ISBN 
_citation.book_publisher 
_citation.book_publisher_city 
_citation.book_title 
_citation.coordinate_linkage 
_citation.country 
_citation.database_id_Medline 
_citation.details 
_citation.id 
_citation.journal_abbrev 
_citation.journal_id_ASTM 
_citation.journal_id_CSD 
_citation.journal_id_ISSN 
_citation.journal_full 
_citation.journal_issue 
_citation.journal_volume 
_citation.language 
_citation.page_first 
_citation.page_last 
_citation.title 
_citation.year 
_citation.database_id_CSD 
_citation.pdbx_database_id_DOI 
_citation.pdbx_database_id_PubMed 
_citation.unpublished_flag 
? ? ? ? ? ? ? ?  ? ? primary 'To Be Published'       ?      0353 ?         ? ? ?  ? ?     ?     
;Crystallographic analysis of conformational change in CCG repeats into i-motif and unusual DNA duplex in presence and absence of CoII(Chro)2 complex
;
?    ? ?                      ?        ? 
? ? ? ? ? ? ? GE ? ? 1       Angew.Chem.Int.Ed.Engl. ACIEAY 0179 1521-3773 ? ? 53 ? 10682 10686 
;Structural basis for the identification of an i-motif tetraplex core with a parallel-duplex junction as a structural motif in CCG triplet repeats.
;
2014 ? 10.1002/anie.201405637 25139267 ? 
# 
loop_
_citation_author.citation_id 
_citation_author.name 
_citation_author.ordinal 
_citation_author.identifier_ORCID 
primary 'Hou, M.H.'  1 ? 
1       'Chen, Y.W.' 2 ? 
1       'Jhan, C.R.' 3 ? 
1       'Neidle, S.' 4 ? 
1       'Hou, M.H.'  5 ? 
# 
loop_
_entity.id 
_entity.type 
_entity.src_method 
_entity.pdbx_description 
_entity.formula_weight 
_entity.pdbx_number_of_molecules 
_entity.pdbx_ec 
_entity.pdbx_mutation 
_entity.pdbx_fragment 
_entity.details 
1 polymer     syn 
;DNA (5'-D(*TP*CP*CP*GP*CP*CP*GP*CP*CP*GP*A)-3')
;
3295.150 1  ? ? ? ? 
2 non-polymer syn 'COBALT (II) ION'                                 58.933   2  ? ? ? ? 
3 water       nat water                                             18.015   59 ? ? ? ? 
# 
_entity_poly.entity_id                      1 
_entity_poly.type                           polydeoxyribonucleotide 
_entity_poly.nstd_linkage                   no 
_entity_poly.nstd_monomer                   no 
_entity_poly.pdbx_seq_one_letter_code       '(DT)(DC)(DC)(DG)(DC)(DC)(DG)(DC)(DC)(DG)(DA)' 
_entity_poly.pdbx_seq_one_letter_code_can   TCCGCCGCCGA 
_entity_poly.pdbx_strand_id                 A 
_entity_poly.pdbx_target_identifier         ? 
# 
loop_
_pdbx_entity_nonpoly.entity_id 
_pdbx_entity_nonpoly.name 
_pdbx_entity_nonpoly.comp_id 
2 'COBALT (II) ION' CO  
3 water             HOH 
# 
loop_
_entity_poly_seq.entity_id 
_entity_poly_seq.num 
_entity_poly_seq.mon_id 
_entity_poly_seq.hetero 
1 1  DT n 
1 2  DC n 
1 3  DC n 
1 4  DG n 
1 5  DC n 
1 6  DC n 
1 7  DG n 
1 8  DC n 
1 9  DC n 
1 10 DG n 
1 11 DA n 
# 
_pdbx_entity_src_syn.entity_id              1 
_pdbx_entity_src_syn.pdbx_src_id            1 
_pdbx_entity_src_syn.pdbx_alt_source_flag   sample 
_pdbx_entity_src_syn.pdbx_beg_seq_num       1 
_pdbx_entity_src_syn.pdbx_end_seq_num       11 
_pdbx_entity_src_syn.organism_scientific    'synthetic construct' 
_pdbx_entity_src_syn.organism_common_name   ? 
_pdbx_entity_src_syn.ncbi_taxonomy_id       32630 
_pdbx_entity_src_syn.details                ? 
# 
loop_
_chem_comp.id 
_chem_comp.type 
_chem_comp.mon_nstd_flag 
_chem_comp.name 
_chem_comp.pdbx_synonyms 
_chem_comp.formula 
_chem_comp.formula_weight 
CO  non-polymer   . 'COBALT (II) ION'                    ? 'Co 2'            58.933  
DA  'DNA linking' y "2'-DEOXYADENOSINE-5'-MONOPHOSPHATE" ? 'C10 H14 N5 O6 P' 331.222 
DC  'DNA linking' y "2'-DEOXYCYTIDINE-5'-MONOPHOSPHATE"  ? 'C9 H14 N3 O7 P'  307.197 
DG  'DNA linking' y "2'-DEOXYGUANOSINE-5'-MONOPHOSPHATE" ? 'C10 H14 N5 O7 P' 347.221 
DT  'DNA linking' y "THYMIDINE-5'-MONOPHOSPHATE"         ? 'C10 H15 N2 O8 P' 322.208 
HOH non-polymer   . WATER                                ? 'H2 O'            18.015  
# 
loop_
_pdbx_poly_seq_scheme.asym_id 
_pdbx_poly_seq_scheme.entity_id 
_pdbx_poly_seq_scheme.seq_id 
_pdbx_poly_seq_scheme.mon_id 
_pdbx_poly_seq_scheme.ndb_seq_num 
_pdbx_poly_seq_scheme.pdb_seq_num 
_pdbx_poly_seq_scheme.auth_seq_num 
_pdbx_poly_seq_scheme.pdb_mon_id 
_pdbx_poly_seq_scheme.auth_mon_id 
_pdbx_poly_seq_scheme.pdb_strand_id 
_pdbx_poly_seq_scheme.pdb_ins_code 
_pdbx_poly_seq_scheme.hetero 
A 1 1  DT 1  1  1  DT DT A . n 
A 1 2  DC 2  2  2  DC DC A . n 
A 1 3  DC 3  3  3  DC DC A . n 
A 1 4  DG 4  4  4  DG DG A . n 
A 1 5  DC 5  5  5  DC DC A . n 
A 1 6  DC 6  6  6  DC DC A . n 
A 1 7  DG 7  7  7  DG DG A . n 
A 1 8  DC 8  8  8  DC DC A . n 
A 1 9  DC 9  9  9  DC DC A . n 
A 1 10 DG 10 10 10 DG DG A . n 
A 1 11 DA 11 11 11 DA DA A . n 
# 
loop_
_pdbx_nonpoly_scheme.asym_id 
_pdbx_nonpoly_scheme.entity_id 
_pdbx_nonpoly_scheme.mon_id 
_pdbx_nonpoly_scheme.ndb_seq_num 
_pdbx_nonpoly_scheme.pdb_seq_num 
_pdbx_nonpoly_scheme.auth_seq_num 
_pdbx_nonpoly_scheme.pdb_mon_id 
_pdbx_nonpoly_scheme.auth_mon_id 
_pdbx_nonpoly_scheme.pdb_strand_id 
_pdbx_nonpoly_scheme.pdb_ins_code 
B 2 CO  1  101 5  CO  CO  A . 
C 2 CO  1  102 6  CO  CO  A . 
D 3 HOH 1  201 9  HOH HOH A . 
D 3 HOH 2  202 10 HOH HOH A . 
D 3 HOH 3  203 12 HOH HOH A . 
D 3 HOH 4  204 6  HOH HOH A . 
D 3 HOH 5  205 5  HOH HOH A . 
D 3 HOH 6  206 25 HOH HOH A . 
D 3 HOH 7  207 4  HOH HOH A . 
D 3 HOH 8  208 11 HOH HOH A . 
D 3 HOH 9  209 2  HOH HOH A . 
D 3 HOH 10 210 36 HOH HOH A . 
D 3 HOH 11 211 7  HOH HOH A . 
D 3 HOH 12 212 13 HOH HOH A . 
D 3 HOH 13 213 33 HOH HOH A . 
D 3 HOH 14 214 18 HOH HOH A . 
D 3 HOH 15 215 8  HOH HOH A . 
D 3 HOH 16 216 59 HOH HOH A . 
D 3 HOH 17 217 3  HOH HOH A . 
D 3 HOH 18 218 1  HOH HOH A . 
D 3 HOH 19 219 19 HOH HOH A . 
D 3 HOH 20 220 40 HOH HOH A . 
D 3 HOH 21 221 52 HOH HOH A . 
D 3 HOH 22 222 35 HOH HOH A . 
D 3 HOH 23 223 16 HOH HOH A . 
D 3 HOH 24 224 24 HOH HOH A . 
D 3 HOH 25 225 15 HOH HOH A . 
D 3 HOH 26 226 30 HOH HOH A . 
D 3 HOH 27 227 31 HOH HOH A . 
D 3 HOH 28 228 23 HOH HOH A . 
D 3 HOH 29 229 32 HOH HOH A . 
D 3 HOH 30 230 49 HOH HOH A . 
D 3 HOH 31 231 20 HOH HOH A . 
D 3 HOH 32 232 50 HOH HOH A . 
D 3 HOH 33 233 27 HOH HOH A . 
D 3 HOH 34 234 34 HOH HOH A . 
D 3 HOH 35 235 21 HOH HOH A . 
D 3 HOH 36 236 47 HOH HOH A . 
D 3 HOH 37 237 41 HOH HOH A . 
D 3 HOH 38 238 17 HOH HOH A . 
D 3 HOH 39 239 14 HOH HOH A . 
D 3 HOH 40 240 48 HOH HOH A . 
D 3 HOH 41 241 56 HOH HOH A . 
D 3 HOH 42 242 43 HOH HOH A . 
D 3 HOH 43 243 39 HOH HOH A . 
D 3 HOH 44 244 54 HOH HOH A . 
D 3 HOH 45 245 46 HOH HOH A . 
D 3 HOH 46 246 38 HOH HOH A . 
D 3 HOH 47 247 53 HOH HOH A . 
D 3 HOH 48 248 26 HOH HOH A . 
D 3 HOH 49 249 44 HOH HOH A . 
D 3 HOH 50 250 58 HOH HOH A . 
D 3 HOH 51 251 28 HOH HOH A . 
D 3 HOH 52 252 42 HOH HOH A . 
D 3 HOH 53 253 57 HOH HOH A . 
D 3 HOH 54 254 29 HOH HOH A . 
D 3 HOH 55 255 45 HOH HOH A . 
D 3 HOH 56 256 55 HOH HOH A . 
D 3 HOH 57 257 22 HOH HOH A . 
D 3 HOH 58 258 51 HOH HOH A . 
D 3 HOH 59 259 37 HOH HOH A . 
# 
loop_
_software.citation_id 
_software.classification 
_software.compiler_name 
_software.compiler_version 
_software.contact_author 
_software.contact_author_email 
_software.date 
_software.description 
_software.dependencies 
_software.hardware 
_software.language 
_software.location 
_software.mods 
_software.name 
_software.os 
_software.os_version 
_software.type 
_software.version 
_software.pdbx_ordinal 
? 'model building' ? ? ? ? ? ? ? ? ? ? ? Coot     ? ? ? .           1 
? refinement       ? ? ? ? ? ? ? ? ? ? ? PHENIX   ? ? ? 1.10.1_2155 2 
? 'data reduction' ? ? ? ? ? ? ? ? ? ? ? HKL-2000 ? ? ? .           3 
? 'data scaling'   ? ? ? ? ? ? ? ? ? ? ? HKL-2000 ? ? ? .           4 
? phasing          ? ? ? ? ? ? ? ? ? ? ? SHELXS   ? ? ? .           5 
# 
_cell.angle_alpha                  90.000 
_cell.angle_alpha_esd              ? 
_cell.angle_beta                   90.000 
_cell.angle_beta_esd               ? 
_cell.angle_gamma                  90.000 
_cell.angle_gamma_esd              ? 
_cell.entry_id                     5ZT2 
_cell.details                      ? 
_cell.formula_units_Z              ? 
_cell.length_a                     38.299 
_cell.length_a_esd                 ? 
_cell.length_b                     38.299 
_cell.length_b_esd                 ? 
_cell.length_c                     54.328 
_cell.length_c_esd                 ? 
_cell.volume                       79689.038 
_cell.volume_esd                   ? 
_cell.Z_PDB                        8 
_cell.reciprocal_angle_alpha       ? 
_cell.reciprocal_angle_beta        ? 
_cell.reciprocal_angle_gamma       ? 
_cell.reciprocal_angle_alpha_esd   ? 
_cell.reciprocal_angle_beta_esd    ? 
_cell.reciprocal_angle_gamma_esd   ? 
_cell.reciprocal_length_a          ? 
_cell.reciprocal_length_b          ? 
_cell.reciprocal_length_c          ? 
_cell.reciprocal_length_a_esd      ? 
_cell.reciprocal_length_b_esd      ? 
_cell.reciprocal_length_c_esd      ? 
_cell.pdbx_unique_axis             ? 
# 
_symmetry.entry_id                         5ZT2 
_symmetry.cell_setting                     ? 
_symmetry.Int_Tables_number                96 
_symmetry.space_group_name_Hall            'P 4nw 2abw' 
_symmetry.space_group_name_H-M             'P 43 21 2' 
_symmetry.pdbx_full_space_group_name_H-M   ? 
# 
_exptl.absorpt_coefficient_mu     ? 
_exptl.absorpt_correction_T_max   ? 
_exptl.absorpt_correction_T_min   ? 
_exptl.absorpt_correction_type    ? 
_exptl.absorpt_process_details    ? 
_exptl.entry_id                   5ZT2 
_exptl.crystals_number            1 
_exptl.details                    ? 
_exptl.method                     'X-RAY DIFFRACTION' 
_exptl.method_details             ? 
# 
_exptl_crystal.colour                      ? 
_exptl_crystal.density_diffrn              ? 
_exptl_crystal.density_Matthews            3.02 
_exptl_crystal.density_method              ? 
_exptl_crystal.density_percent_sol         59.31 
_exptl_crystal.description                 ? 
_exptl_crystal.F_000                       ? 
_exptl_crystal.id                          1 
_exptl_crystal.preparation                 ? 
_exptl_crystal.size_max                    ? 
_exptl_crystal.size_mid                    ? 
_exptl_crystal.size_min                    ? 
_exptl_crystal.size_rad                    ? 
_exptl_crystal.colour_lustre               ? 
_exptl_crystal.colour_modifier             ? 
_exptl_crystal.colour_primary              ? 
_exptl_crystal.density_meas                ? 
_exptl_crystal.density_meas_esd            ? 
_exptl_crystal.density_meas_gt             ? 
_exptl_crystal.density_meas_lt             ? 
_exptl_crystal.density_meas_temp           ? 
_exptl_crystal.density_meas_temp_esd       ? 
_exptl_crystal.density_meas_temp_gt        ? 
_exptl_crystal.density_meas_temp_lt        ? 
_exptl_crystal.pdbx_crystal_image_url      ? 
_exptl_crystal.pdbx_crystal_image_format   ? 
_exptl_crystal.pdbx_mosaicity              ? 
_exptl_crystal.pdbx_mosaicity_esd          ? 
# 
_exptl_crystal_grow.apparatus       ? 
_exptl_crystal_grow.atmosphere      ? 
_exptl_crystal_grow.crystal_id      1 
_exptl_crystal_grow.details         ? 
_exptl_crystal_grow.method          'VAPOR DIFFUSION, SITTING DROP' 
_exptl_crystal_grow.method_ref      ? 
_exptl_crystal_grow.pH              6 
_exptl_crystal_grow.pressure        ? 
_exptl_crystal_grow.pressure_esd    ? 
_exptl_crystal_grow.seeding         ? 
_exptl_crystal_grow.seeding_ref     ? 
_exptl_crystal_grow.temp            277.15 
_exptl_crystal_grow.temp_details    ? 
_exptl_crystal_grow.temp_esd        ? 
_exptl_crystal_grow.time            ? 
_exptl_crystal_grow.pdbx_details    
'50mM Sodium cacodylate, 1mM Magnesium chloride, 5% MPD, 2mM Cobalt(II) chloride, 1mM Chromomycin A3' 
_exptl_crystal_grow.pdbx_pH_range   ? 
# 
_diffrn.ambient_environment    ? 
_diffrn.ambient_temp           100 
_diffrn.ambient_temp_details   ? 
_diffrn.ambient_temp_esd       ? 
_diffrn.crystal_id             1 
_diffrn.crystal_support        ? 
_diffrn.crystal_treatment      ? 
_diffrn.details                ? 
_diffrn.id                     1 
_diffrn.ambient_pressure       ? 
_diffrn.ambient_pressure_esd   ? 
_diffrn.ambient_pressure_gt    ? 
_diffrn.ambient_pressure_lt    ? 
_diffrn.ambient_temp_gt        ? 
_diffrn.ambient_temp_lt        ? 
# 
_diffrn_detector.details                      ? 
_diffrn_detector.detector                     CCD 
_diffrn_detector.diffrn_id                    1 
_diffrn_detector.type                         'RAYONIX MX-300' 
_diffrn_detector.area_resol_mean              ? 
_diffrn_detector.dtime                        ? 
_diffrn_detector.pdbx_frames_total            ? 
_diffrn_detector.pdbx_collection_time_total   ? 
_diffrn_detector.pdbx_collection_date         2013-10-18 
# 
_diffrn_radiation.collimation                      ? 
_diffrn_radiation.diffrn_id                        1 
_diffrn_radiation.filter_edge                      ? 
_diffrn_radiation.inhomogeneity                    ? 
_diffrn_radiation.monochromator                    ? 
_diffrn_radiation.polarisn_norm                    ? 
_diffrn_radiation.polarisn_ratio                   ? 
_diffrn_radiation.probe                            ? 
_diffrn_radiation.type                             ? 
_diffrn_radiation.xray_symbol                      ? 
_diffrn_radiation.wavelength_id                    1 
_diffrn_radiation.pdbx_monochromatic_or_laue_m_l   M 
_diffrn_radiation.pdbx_wavelength_list             ? 
_diffrn_radiation.pdbx_wavelength                  ? 
_diffrn_radiation.pdbx_diffrn_protocol             MAD 
_diffrn_radiation.pdbx_analyzer                    ? 
_diffrn_radiation.pdbx_scattering_type             x-ray 
# 
loop_
_diffrn_radiation_wavelength.id 
_diffrn_radiation_wavelength.wavelength 
_diffrn_radiation_wavelength.wt 
1 1.60572 1.0 
2 1.56518 1.0 
3 1.60490 1.0 
# 
_diffrn_source.current                     ? 
_diffrn_source.details                     ? 
_diffrn_source.diffrn_id                   1 
_diffrn_source.power                       ? 
_diffrn_source.size                        ? 
_diffrn_source.source                      SYNCHROTRON 
_diffrn_source.target                      ? 
_diffrn_source.type                        'NSRRC BEAMLINE BL15A1' 
_diffrn_source.voltage                     ? 
_diffrn_source.take-off_angle              ? 
_diffrn_source.pdbx_wavelength_list        '1.60572, 1.56518, 1.60490' 
_diffrn_source.pdbx_wavelength             ? 
_diffrn_source.pdbx_synchrotron_beamline   BL15A1 
_diffrn_source.pdbx_synchrotron_site       NSRRC 
# 
_reflns.B_iso_Wilson_estimate            16.5972142739 
_reflns.entry_id                         5ZT2 
_reflns.data_reduction_details           ? 
_reflns.data_reduction_method            ? 
_reflns.d_resolution_high                1.66 
_reflns.d_resolution_low                 30 
_reflns.details                          ? 
_reflns.limit_h_max                      ? 
_reflns.limit_h_min                      ? 
_reflns.limit_k_max                      ? 
_reflns.limit_k_min                      ? 
_reflns.limit_l_max                      ? 
_reflns.limit_l_min                      ? 
_reflns.number_all                       ? 
_reflns.number_obs                       3447 
_reflns.observed_criterion               ? 
_reflns.observed_criterion_F_max         ? 
_reflns.observed_criterion_F_min         ? 
_reflns.observed_criterion_I_max         ? 
_reflns.observed_criterion_I_min         ? 
_reflns.observed_criterion_sigma_F       ? 
_reflns.observed_criterion_sigma_I       ? 
_reflns.percent_possible_obs             96.1 
_reflns.R_free_details                   ? 
_reflns.Rmerge_F_all                     ? 
_reflns.Rmerge_F_obs                     ? 
_reflns.Friedel_coverage                 ? 
_reflns.number_gt                        ? 
_reflns.threshold_expression             ? 
_reflns.pdbx_redundancy                  5.5 
_reflns.pdbx_Rmerge_I_obs                0.048 
_reflns.pdbx_Rmerge_I_all                ? 
_reflns.pdbx_Rsym_value                  ? 
_reflns.pdbx_netI_over_av_sigmaI         ? 
_reflns.pdbx_netI_over_sigmaI            41.724 
_reflns.pdbx_res_netI_over_av_sigmaI_2   ? 
_reflns.pdbx_res_netI_over_sigmaI_2      ? 
_reflns.pdbx_chi_squared                 ? 
_reflns.pdbx_scaling_rejects             ? 
_reflns.pdbx_d_res_high_opt              ? 
_reflns.pdbx_d_res_low_opt               ? 
_reflns.pdbx_d_res_opt_method            ? 
_reflns.phase_calculation_details        ? 
_reflns.pdbx_Rrim_I_all                  ? 
_reflns.pdbx_Rpim_I_all                  ? 
_reflns.pdbx_d_opt                       ? 
_reflns.pdbx_number_measured_all         ? 
_reflns.pdbx_diffrn_id                   1 
_reflns.pdbx_ordinal                     1 
_reflns.pdbx_CC_half                     ? 
_reflns.pdbx_R_split                     ? 
# 
_reflns_shell.d_res_high                  1.66 
_reflns_shell.d_res_low                   1.72 
_reflns_shell.meanI_over_sigI_all         ? 
_reflns_shell.meanI_over_sigI_obs         ? 
_reflns_shell.number_measured_all         ? 
_reflns_shell.number_measured_obs         ? 
_reflns_shell.number_possible             ? 
_reflns_shell.number_unique_all           ? 
_reflns_shell.number_unique_obs           632 
_reflns_shell.percent_possible_all        ? 
_reflns_shell.percent_possible_obs        ? 
_reflns_shell.Rmerge_F_all                ? 
_reflns_shell.Rmerge_F_obs                ? 
_reflns_shell.Rmerge_I_all                ? 
_reflns_shell.Rmerge_I_obs                0.272 
_reflns_shell.meanI_over_sigI_gt          ? 
_reflns_shell.meanI_over_uI_all           ? 
_reflns_shell.meanI_over_uI_gt            ? 
_reflns_shell.number_measured_gt          ? 
_reflns_shell.number_unique_gt            ? 
_reflns_shell.percent_possible_gt         ? 
_reflns_shell.Rmerge_F_gt                 ? 
_reflns_shell.Rmerge_I_gt                 ? 
_reflns_shell.pdbx_redundancy             ? 
_reflns_shell.pdbx_Rsym_value             ? 
_reflns_shell.pdbx_chi_squared            ? 
_reflns_shell.pdbx_netI_over_sigmaI_all   ? 
_reflns_shell.pdbx_netI_over_sigmaI_obs   ? 
_reflns_shell.pdbx_Rrim_I_all             ? 
_reflns_shell.pdbx_Rpim_I_all             ? 
_reflns_shell.pdbx_rejects                ? 
_reflns_shell.pdbx_ordinal                1 
_reflns_shell.pdbx_diffrn_id              1 
_reflns_shell.pdbx_CC_half                ? 
_reflns_shell.pdbx_R_split                ? 
# 
_refine.aniso_B[1][1]                            ? 
_refine.aniso_B[1][2]                            ? 
_refine.aniso_B[1][3]                            ? 
_refine.aniso_B[2][2]                            ? 
_refine.aniso_B[2][3]                            ? 
_refine.aniso_B[3][3]                            ? 
_refine.B_iso_max                                ? 
_refine.B_iso_mean                               26.7353127997 
_refine.B_iso_min                                ? 
_refine.correlation_coeff_Fo_to_Fc               ? 
_refine.correlation_coeff_Fo_to_Fc_free          ? 
_refine.details                                  ? 
_refine.diff_density_max                         ? 
_refine.diff_density_max_esd                     ? 
_refine.diff_density_min                         ? 
_refine.diff_density_min_esd                     ? 
_refine.diff_density_rms                         ? 
_refine.diff_density_rms_esd                     ? 
_refine.entry_id                                 5ZT2 
_refine.pdbx_refine_id                           'X-RAY DIFFRACTION' 
_refine.ls_abs_structure_details                 ? 
_refine.ls_abs_structure_Flack                   ? 
_refine.ls_abs_structure_Flack_esd               ? 
_refine.ls_abs_structure_Rogers                  ? 
_refine.ls_abs_structure_Rogers_esd              ? 
_refine.ls_d_res_high                            1.66002164937 
_refine.ls_d_res_low                             12.4437277752 
_refine.ls_extinction_coef                       ? 
_refine.ls_extinction_coef_esd                   ? 
_refine.ls_extinction_expression                 ? 
_refine.ls_extinction_method                     ? 
_refine.ls_goodness_of_fit_all                   ? 
_refine.ls_goodness_of_fit_all_esd               ? 
_refine.ls_goodness_of_fit_obs                   ? 
_refine.ls_goodness_of_fit_obs_esd               ? 
_refine.ls_hydrogen_treatment                    ? 
_refine.ls_matrix_type                           ? 
_refine.ls_number_constraints                    ? 
_refine.ls_number_parameters                     ? 
_refine.ls_number_reflns_all                     ? 
_refine.ls_number_reflns_obs                     3447 
_refine.ls_number_reflns_R_free                  345 
_refine.ls_number_reflns_R_work                  ? 
_refine.ls_number_restraints                     ? 
_refine.ls_percent_reflns_obs                    67.0883612301 
_refine.ls_percent_reflns_R_free                 10.0087032202 
_refine.ls_R_factor_all                          ? 
_refine.ls_R_factor_obs                          0.235638826004 
_refine.ls_R_factor_R_free                       0.255296437209 
_refine.ls_R_factor_R_free_error                 ? 
_refine.ls_R_factor_R_free_error_details         ? 
_refine.ls_R_factor_R_work                       0.233436819255 
_refine.ls_R_Fsqd_factor_obs                     ? 
_refine.ls_R_I_factor_obs                        ? 
_refine.ls_redundancy_reflns_all                 ? 
_refine.ls_redundancy_reflns_obs                 ? 
_refine.ls_restrained_S_all                      ? 
_refine.ls_restrained_S_obs                      ? 
_refine.ls_shift_over_esd_max                    ? 
_refine.ls_shift_over_esd_mean                   ? 
_refine.ls_structure_factor_coef                 ? 
_refine.ls_weighting_details                     ? 
_refine.ls_weighting_scheme                      ? 
_refine.ls_wR_factor_all                         ? 
_refine.ls_wR_factor_obs                         ? 
_refine.ls_wR_factor_R_free                      ? 
_refine.ls_wR_factor_R_work                      ? 
_refine.occupancy_max                            ? 
_refine.occupancy_min                            ? 
_refine.solvent_model_details                    ? 
_refine.solvent_model_param_bsol                 ? 
_refine.solvent_model_param_ksol                 ? 
_refine.ls_R_factor_gt                           ? 
_refine.ls_goodness_of_fit_gt                    ? 
_refine.ls_goodness_of_fit_ref                   ? 
_refine.ls_shift_over_su_max                     ? 
_refine.ls_shift_over_su_max_lt                  ? 
_refine.ls_shift_over_su_mean                    ? 
_refine.ls_shift_over_su_mean_lt                 ? 
_refine.pdbx_ls_sigma_I                          ? 
_refine.pdbx_ls_sigma_F                          0.00486031212139 
_refine.pdbx_ls_sigma_Fsqd                       ? 
_refine.pdbx_data_cutoff_high_absF               ? 
_refine.pdbx_data_cutoff_high_rms_absF           ? 
_refine.pdbx_data_cutoff_low_absF                ? 
_refine.pdbx_isotropic_thermal_model             ? 
_refine.pdbx_ls_cross_valid_method               'FREE R-VALUE' 
_refine.pdbx_method_to_determine_struct          MAD 
_refine.pdbx_starting_model                      ? 
_refine.pdbx_stereochemistry_target_values       ? 
_refine.pdbx_R_Free_selection_details            ? 
_refine.pdbx_stereochem_target_val_spec_case     ? 
_refine.pdbx_overall_ESU_R                       ? 
_refine.pdbx_overall_ESU_R_Free                  ? 
_refine.pdbx_solvent_vdw_probe_radii             1.11 
_refine.pdbx_solvent_ion_probe_radii             ? 
_refine.pdbx_solvent_shrinkage_radii             0.9 
_refine.pdbx_real_space_R                        ? 
_refine.pdbx_density_correlation                 ? 
_refine.pdbx_pd_number_of_powder_patterns        ? 
_refine.pdbx_pd_number_of_points                 ? 
_refine.pdbx_pd_meas_number_of_points            ? 
_refine.pdbx_pd_proc_ls_prof_R_factor            ? 
_refine.pdbx_pd_proc_ls_prof_wR_factor           ? 
_refine.pdbx_pd_Marquardt_correlation_coeff      ? 
_refine.pdbx_pd_Fsqrd_R_factor                   ? 
_refine.pdbx_pd_ls_matrix_band_width             ? 
_refine.pdbx_overall_phase_error                 30.6258331204 
_refine.pdbx_overall_SU_R_free_Cruickshank_DPI   ? 
_refine.pdbx_overall_SU_R_free_Blow_DPI          ? 
_refine.pdbx_overall_SU_R_Blow_DPI               ? 
_refine.pdbx_TLS_residual_ADP_flag               ? 
_refine.pdbx_diffrn_id                           1 
_refine.overall_SU_B                             ? 
_refine.overall_SU_ML                            0.20873662372 
_refine.overall_SU_R_Cruickshank_DPI             ? 
_refine.overall_SU_R_free                        ? 
_refine.overall_FOM_free_R_set                   ? 
_refine.overall_FOM_work_R_set                   ? 
_refine.pdbx_average_fsc_overall                 ? 
_refine.pdbx_average_fsc_work                    ? 
_refine.pdbx_average_fsc_free                    ? 
# 
_refine_hist.pdbx_refine_id                   'X-RAY DIFFRACTION' 
_refine_hist.cycle_id                         LAST 
_refine_hist.pdbx_number_atoms_protein        0 
_refine_hist.pdbx_number_atoms_nucleic_acid   218 
_refine_hist.pdbx_number_atoms_ligand         2 
_refine_hist.number_atoms_solvent             59 
_refine_hist.number_atoms_total               279 
_refine_hist.d_res_high                       1.66002164937 
_refine_hist.d_res_low                        12.4437277752 
# 
loop_
_refine_ls_restr.pdbx_refine_id 
_refine_ls_restr.criterion 
_refine_ls_restr.dev_ideal 
_refine_ls_restr.dev_ideal_target 
_refine_ls_restr.number 
_refine_ls_restr.rejects 
_refine_ls_restr.type 
_refine_ls_restr.weight 
_refine_ls_restr.pdbx_restraint_function 
'X-RAY DIFFRACTION' ? 0.00643641523394 ? 243 ? f_bond_d           ? ? 
'X-RAY DIFFRACTION' ? 0.691642373619   ? 372 ? f_angle_d          ? ? 
'X-RAY DIFFRACTION' ? 0.0299698512432  ? 43  ? f_chiral_restr     ? ? 
'X-RAY DIFFRACTION' ? 0.00308292495498 ? 11  ? f_plane_restr      ? ? 
'X-RAY DIFFRACTION' ? 31.4914944287    ? 106 ? f_dihedral_angle_d ? ? 
# 
loop_
_refine_ls_shell.pdbx_refine_id 
_refine_ls_shell.d_res_high 
_refine_ls_shell.d_res_low 
_refine_ls_shell.number_reflns_all 
_refine_ls_shell.number_reflns_obs 
_refine_ls_shell.number_reflns_R_free 
_refine_ls_shell.number_reflns_R_work 
_refine_ls_shell.percent_reflns_obs 
_refine_ls_shell.percent_reflns_R_free 
_refine_ls_shell.R_factor_all 
_refine_ls_shell.R_factor_obs 
_refine_ls_shell.R_factor_R_free 
_refine_ls_shell.R_factor_R_free_error 
_refine_ls_shell.R_factor_R_work 
_refine_ls_shell.redundancy_reflns_all 
_refine_ls_shell.redundancy_reflns_obs 
_refine_ls_shell.wR_factor_all 
_refine_ls_shell.wR_factor_obs 
_refine_ls_shell.wR_factor_R_free 
_refine_ls_shell.wR_factor_R_work 
_refine_ls_shell.pdbx_total_number_of_bins_used 
_refine_ls_shell.pdbx_phase_error 
_refine_ls_shell.pdbx_fsc_work 
_refine_ls_shell.pdbx_fsc_free 
'X-RAY DIFFRACTION' 1.66   1.7192  . . 158 1424 63.1284916201 . . . 0.322434646495 . 0.280159678913 . . . . . . . . . . 
'X-RAY DIFFRACTION' 2.0898 12.4441 . . 187 1678 70.8855948309 . . . 0.233458804456 . 0.2187811798   . . . . . . . . . . 
# 
_struct.entry_id                     5ZT2 
_struct.title                        'Crystal structure of CCG DNA repeats at 1.66 angstrom resolution' 
_struct.pdbx_model_details           ? 
_struct.pdbx_formula_weight          ? 
_struct.pdbx_formula_weight_method   ? 
_struct.pdbx_model_type_details      ? 
_struct.pdbx_CASP_flag               N 
# 
_struct_keywords.entry_id        5ZT2 
_struct_keywords.text            'DNA structures, i-motifs, neurological disease, tetraplex structures, DNA' 
_struct_keywords.pdbx_keywords   DNA 
# 
loop_
_struct_asym.id 
_struct_asym.pdbx_blank_PDB_chainid_flag 
_struct_asym.pdbx_modified 
_struct_asym.entity_id 
_struct_asym.details 
A N N 1 ? 
B N N 2 ? 
C N N 2 ? 
D N N 3 ? 
# 
_struct_ref.id                         1 
_struct_ref.db_name                    PDB 
_struct_ref.db_code                    5ZT2 
_struct_ref.pdbx_db_accession          5ZT2 
_struct_ref.pdbx_db_isoform            ? 
_struct_ref.entity_id                  1 
_struct_ref.pdbx_seq_one_letter_code   ? 
_struct_ref.pdbx_align_begin           1 
# 
_struct_ref_seq.align_id                      1 
_struct_ref_seq.ref_id                        1 
_struct_ref_seq.pdbx_PDB_id_code              5ZT2 
_struct_ref_seq.pdbx_strand_id                A 
_struct_ref_seq.seq_align_beg                 1 
_struct_ref_seq.pdbx_seq_align_beg_ins_code   ? 
_struct_ref_seq.seq_align_end                 11 
_struct_ref_seq.pdbx_seq_align_end_ins_code   ? 
_struct_ref_seq.pdbx_db_accession             5ZT2 
_struct_ref_seq.db_align_beg                  1 
_struct_ref_seq.pdbx_db_align_beg_ins_code    ? 
_struct_ref_seq.db_align_end                  11 
_struct_ref_seq.pdbx_db_align_end_ins_code    ? 
_struct_ref_seq.pdbx_auth_seq_align_beg       1 
_struct_ref_seq.pdbx_auth_seq_align_end       11 
# 
_pdbx_struct_assembly.id                   1 
_pdbx_struct_assembly.details              author_defined_assembly 
_pdbx_struct_assembly.method_details       ? 
_pdbx_struct_assembly.oligomeric_details   dimeric 
_pdbx_struct_assembly.oligomeric_count     2 
# 
loop_
_pdbx_struct_assembly_gen.assembly_id 
_pdbx_struct_assembly_gen.oper_expression 
_pdbx_struct_assembly_gen.asym_id_list 
1 1 A,B,C,D 
1 2 A,B,C,D 
# 
_pdbx_struct_assembly_auth_evidence.id                     1 
_pdbx_struct_assembly_auth_evidence.assembly_id            1 
_pdbx_struct_assembly_auth_evidence.experimental_support   none 
_pdbx_struct_assembly_auth_evidence.details                ? 
# 
loop_
_pdbx_struct_oper_list.id 
_pdbx_struct_oper_list.type 
_pdbx_struct_oper_list.name 
_pdbx_struct_oper_list.symmetry_operation 
_pdbx_struct_oper_list.matrix[1][1] 
_pdbx_struct_oper_list.matrix[1][2] 
_pdbx_struct_oper_list.matrix[1][3] 
_pdbx_struct_oper_list.vector[1] 
_pdbx_struct_oper_list.matrix[2][1] 
_pdbx_struct_oper_list.matrix[2][2] 
_pdbx_struct_oper_list.matrix[2][3] 
_pdbx_struct_oper_list.vector[2] 
_pdbx_struct_oper_list.matrix[3][1] 
_pdbx_struct_oper_list.matrix[3][2] 
_pdbx_struct_oper_list.matrix[3][3] 
_pdbx_struct_oper_list.vector[3] 
1 'identity operation'         1_555 x,y,z        1.0000000000  0.0000000000 0.0000000000  0.0000000000 0.0000000000 1.0000000000  0.0000000000  0.0000000000  0.0000000000  0.0000000000  1.0000000000  0.0000000000 
2 'crystal symmetry operation' 8_555 -y,-x,-z+1/2 -0.5660081792 0.6102489968 -0.5542841356 5.6962092368 0.6102489968 -0.1419104688 -0.7793956510 -0.0758276113 -0.5542841356 -0.7793956510 -0.2920813521 4.3765179966 
# 
loop_
_struct_conn.id 
_struct_conn.conn_type_id 
_struct_conn.pdbx_leaving_atom_flag 
_struct_conn.pdbx_PDB_id 
_struct_conn.ptnr1_label_asym_id 
_struct_conn.ptnr1_label_comp_id 
_struct_conn.ptnr1_label_seq_id 
_struct_conn.ptnr1_label_atom_id 
_struct_conn.pdbx_ptnr1_label_alt_id 
_struct_conn.pdbx_ptnr1_PDB_ins_code 
_struct_conn.pdbx_ptnr1_standard_comp_id 
_struct_conn.ptnr1_symmetry 
_struct_conn.ptnr2_label_asym_id 
_struct_conn.ptnr2_label_comp_id 
_struct_conn.ptnr2_label_seq_id 
_struct_conn.ptnr2_label_atom_id 
_struct_conn.pdbx_ptnr2_label_alt_id 
_struct_conn.pdbx_ptnr2_PDB_ins_code 
_struct_conn.ptnr1_auth_asym_id 
_struct_conn.ptnr1_auth_comp_id 
_struct_conn.ptnr1_auth_seq_id 
_struct_conn.ptnr2_auth_asym_id 
_struct_conn.ptnr2_auth_comp_id 
_struct_conn.ptnr2_auth_seq_id 
_struct_conn.ptnr2_symmetry 
_struct_conn.pdbx_ptnr3_label_atom_id 
_struct_conn.pdbx_ptnr3_label_seq_id 
_struct_conn.pdbx_ptnr3_label_comp_id 
_struct_conn.pdbx_ptnr3_label_asym_id 
_struct_conn.pdbx_ptnr3_label_alt_id 
_struct_conn.pdbx_ptnr3_PDB_ins_code 
_struct_conn.details 
_struct_conn.pdbx_dist_value 
_struct_conn.pdbx_value_order 
_struct_conn.pdbx_role 
metalc1  metalc ? ? A DG 4  N7 ? ? ? 1_555 B CO  .  CO ? ? A DG 4   A CO  101 1_555 ? ? ? ? ? ? ?            2.345 ? ? 
metalc2  metalc ? ? A DG 7  N7 ? ? ? 1_555 C CO  .  CO ? ? A DG 7   A CO  102 1_555 ? ? ? ? ? ? ?            2.583 ? ? 
metalc3  metalc ? ? B CO .  CO ? ? ? 1_555 D HOH .  O  ? ? A CO 101 A HOH 216 1_555 ? ? ? ? ? ? ?            2.289 ? ? 
metalc4  metalc ? ? B CO .  CO ? ? ? 1_555 D HOH .  O  ? ? A CO 101 A HOH 226 1_555 ? ? ? ? ? ? ?            1.955 ? ? 
metalc5  metalc ? ? B CO .  CO ? ? ? 1_555 D HOH .  O  ? ? A CO 101 A HOH 228 1_555 ? ? ? ? ? ? ?            2.422 ? ? 
metalc6  metalc ? ? C CO .  CO ? ? ? 1_555 D HOH .  O  ? ? A CO 102 A HOH 210 1_555 ? ? ? ? ? ? ?            2.679 ? ? 
hydrog1  hydrog ? ? A DC 2  N4 ? ? ? 1_555 A DC  2  O2 ? ? A DC 2   A DC  2   8_555 ? ? ? ? ? ? TYPE_15_PAIR ?     ? ? 
hydrog2  hydrog ? ? A DC 2  O2 ? ? ? 1_555 A DC  2  N4 ? ? A DC 2   A DC  2   8_555 ? ? ? ? ? ? TYPE_15_PAIR ?     ? ? 
hydrog3  hydrog ? ? A DC 3  N4 ? ? ? 1_555 A DC  3  O2 ? ? A DC 3   A DC  3   8_555 ? ? ? ? ? ? TYPE_15_PAIR ?     ? ? 
hydrog4  hydrog ? ? A DC 3  O2 ? ? ? 1_555 A DC  3  N4 ? ? A DC 3   A DC  3   8_555 ? ? ? ? ? ? TYPE_15_PAIR ?     ? ? 
hydrog5  hydrog ? ? A DG 4  N2 ? ? ? 1_555 A DG  4  N3 ? ? A DG 4   A DG  4   8_555 ? ? ? ? ? ? TYPE_4_PAIR  ?     ? ? 
hydrog6  hydrog ? ? A DG 4  N3 ? ? ? 1_555 A DG  4  N2 ? ? A DG 4   A DG  4   8_555 ? ? ? ? ? ? TYPE_4_PAIR  ?     ? ? 
hydrog7  hydrog ? ? A DC 8  N4 ? ? ? 1_555 A DC  8  O2 ? ? A DC 8   A DC  8   8_555 ? ? ? ? ? ? TYPE_15_PAIR ?     ? ? 
hydrog8  hydrog ? ? A DC 8  O2 ? ? ? 1_555 A DC  8  N4 ? ? A DC 8   A DC  8   8_555 ? ? ? ? ? ? TYPE_15_PAIR ?     ? ? 
hydrog9  hydrog ? ? A DC 9  N4 ? ? ? 1_555 A DC  9  O2 ? ? A DC 9   A DC  9   8_555 ? ? ? ? ? ? TYPE_15_PAIR ?     ? ? 
hydrog10 hydrog ? ? A DC 9  O2 ? ? ? 1_555 A DC  9  N4 ? ? A DC 9   A DC  9   8_555 ? ? ? ? ? ? TYPE_15_PAIR ?     ? ? 
hydrog11 hydrog ? ? A DG 10 N2 ? ? ? 1_555 A DG  10 N3 ? ? A DG 10  A DG  10  8_555 ? ? ? ? ? ? TYPE_4_PAIR  ?     ? ? 
hydrog12 hydrog ? ? A DG 10 N3 ? ? ? 1_555 A DG  10 N2 ? ? A DG 10  A DG  10  8_555 ? ? ? ? ? ? TYPE_4_PAIR  ?     ? ? 
hydrog13 hydrog ? ? A DA 11 N6 ? ? ? 1_555 A DA  11 N7 ? ? A DA 11  A DA  11  8_555 ? ? ? ? ? ? TYPE_2_PAIR  ?     ? ? 
hydrog14 hydrog ? ? A DA 11 N7 ? ? ? 1_555 A DA  11 N6 ? ? A DA 11  A DA  11  8_555 ? ? ? ? ? ? TYPE_2_PAIR  ?     ? ? 
# 
loop_
_struct_conn_type.id 
_struct_conn_type.criteria 
_struct_conn_type.reference 
metalc ? ? 
hydrog ? ? 
# 
loop_
_pdbx_struct_conn_angle.id 
_pdbx_struct_conn_angle.ptnr1_label_atom_id 
_pdbx_struct_conn_angle.ptnr1_label_alt_id 
_pdbx_struct_conn_angle.ptnr1_label_asym_id 
_pdbx_struct_conn_angle.ptnr1_label_comp_id 
_pdbx_struct_conn_angle.ptnr1_label_seq_id 
_pdbx_struct_conn_angle.ptnr1_auth_atom_id 
_pdbx_struct_conn_angle.ptnr1_auth_asym_id 
_pdbx_struct_conn_angle.ptnr1_auth_comp_id 
_pdbx_struct_conn_angle.ptnr1_auth_seq_id 
_pdbx_struct_conn_angle.ptnr1_PDB_ins_code 
_pdbx_struct_conn_angle.ptnr1_symmetry 
_pdbx_struct_conn_angle.ptnr2_label_atom_id 
_pdbx_struct_conn_angle.ptnr2_label_alt_id 
_pdbx_struct_conn_angle.ptnr2_label_asym_id 
_pdbx_struct_conn_angle.ptnr2_label_comp_id 
_pdbx_struct_conn_angle.ptnr2_label_seq_id 
_pdbx_struct_conn_angle.ptnr2_auth_atom_id 
_pdbx_struct_conn_angle.ptnr2_auth_asym_id 
_pdbx_struct_conn_angle.ptnr2_auth_comp_id 
_pdbx_struct_conn_angle.ptnr2_auth_seq_id 
_pdbx_struct_conn_angle.ptnr2_PDB_ins_code 
_pdbx_struct_conn_angle.ptnr2_symmetry 
_pdbx_struct_conn_angle.ptnr3_label_atom_id 
_pdbx_struct_conn_angle.ptnr3_label_alt_id 
_pdbx_struct_conn_angle.ptnr3_label_asym_id 
_pdbx_struct_conn_angle.ptnr3_label_comp_id 
_pdbx_struct_conn_angle.ptnr3_label_seq_id 
_pdbx_struct_conn_angle.ptnr3_auth_atom_id 
_pdbx_struct_conn_angle.ptnr3_auth_asym_id 
_pdbx_struct_conn_angle.ptnr3_auth_comp_id 
_pdbx_struct_conn_angle.ptnr3_auth_seq_id 
_pdbx_struct_conn_angle.ptnr3_PDB_ins_code 
_pdbx_struct_conn_angle.ptnr3_symmetry 
_pdbx_struct_conn_angle.value 
_pdbx_struct_conn_angle.value_esd 
1 N7 ? A DG  4 ? A DG  4   ? 1_555 CO ? B CO . ? A CO 101 ? 1_555 O ? D HOH . ? A HOH 216 ? 1_555 98.1  ? 
2 N7 ? A DG  4 ? A DG  4   ? 1_555 CO ? B CO . ? A CO 101 ? 1_555 O ? D HOH . ? A HOH 226 ? 1_555 93.2  ? 
3 O  ? D HOH . ? A HOH 216 ? 1_555 CO ? B CO . ? A CO 101 ? 1_555 O ? D HOH . ? A HOH 226 ? 1_555 166.2 ? 
4 N7 ? A DG  4 ? A DG  4   ? 1_555 CO ? B CO . ? A CO 101 ? 1_555 O ? D HOH . ? A HOH 228 ? 1_555 83.9  ? 
5 O  ? D HOH . ? A HOH 216 ? 1_555 CO ? B CO . ? A CO 101 ? 1_555 O ? D HOH . ? A HOH 228 ? 1_555 87.5  ? 
6 O  ? D HOH . ? A HOH 226 ? 1_555 CO ? B CO . ? A CO 101 ? 1_555 O ? D HOH . ? A HOH 228 ? 1_555 85.8  ? 
7 N7 ? A DG  7 ? A DG  7   ? 1_555 CO ? C CO . ? A CO 102 ? 1_555 O ? D HOH . ? A HOH 210 ? 1_555 88.2  ? 
# 
loop_
_struct_site.id 
_struct_site.pdbx_evidence_code 
_struct_site.pdbx_auth_asym_id 
_struct_site.pdbx_auth_comp_id 
_struct_site.pdbx_auth_seq_id 
_struct_site.pdbx_auth_ins_code 
_struct_site.pdbx_num_residues 
_struct_site.details 
AC1 Software A CO 101 ? 5 'binding site for residue CO A 101' 
AC2 Software A CO 102 ? 4 'binding site for residue CO A 102' 
# 
loop_
_struct_site_gen.id 
_struct_site_gen.site_id 
_struct_site_gen.pdbx_num_res 
_struct_site_gen.label_comp_id 
_struct_site_gen.label_asym_id 
_struct_site_gen.label_seq_id 
_struct_site_gen.pdbx_auth_ins_code 
_struct_site_gen.auth_comp_id 
_struct_site_gen.auth_asym_id 
_struct_site_gen.auth_seq_id 
_struct_site_gen.label_atom_id 
_struct_site_gen.label_alt_id 
_struct_site_gen.symmetry 
_struct_site_gen.details 
1 AC1 5 DG  A 4 ? DG  A 4   . ? 1_555 ? 
2 AC1 5 DC  A 5 ? DC  A 5   . ? 8_555 ? 
3 AC1 5 HOH D . ? HOH A 216 . ? 1_555 ? 
4 AC1 5 HOH D . ? HOH A 226 . ? 1_555 ? 
5 AC1 5 HOH D . ? HOH A 228 . ? 1_555 ? 
6 AC2 4 DC  A 6 ? DC  A 6   . ? 1_555 ? 
7 AC2 4 DG  A 7 ? DG  A 7   . ? 1_555 ? 
8 AC2 4 HOH D . ? HOH A 210 . ? 1_555 ? 
9 AC2 4 HOH D . ? HOH A 229 . ? 1_555 ? 
# 
loop_
_pdbx_validate_close_contact.id 
_pdbx_validate_close_contact.PDB_model_num 
_pdbx_validate_close_contact.auth_atom_id_1 
_pdbx_validate_close_contact.auth_asym_id_1 
_pdbx_validate_close_contact.auth_comp_id_1 
_pdbx_validate_close_contact.auth_seq_id_1 
_pdbx_validate_close_contact.PDB_ins_code_1 
_pdbx_validate_close_contact.label_alt_id_1 
_pdbx_validate_close_contact.auth_atom_id_2 
_pdbx_validate_close_contact.auth_asym_id_2 
_pdbx_validate_close_contact.auth_comp_id_2 
_pdbx_validate_close_contact.auth_seq_id_2 
_pdbx_validate_close_contact.PDB_ins_code_2 
_pdbx_validate_close_contact.label_alt_id_2 
_pdbx_validate_close_contact.dist 
1 1 O A HOH 251 ? ? O A HOH 253 ? ? 1.68 
2 1 O A HOH 241 ? ? O A HOH 248 ? ? 2.05 
# 
loop_
_pdbx_struct_special_symmetry.id 
_pdbx_struct_special_symmetry.PDB_model_num 
_pdbx_struct_special_symmetry.auth_asym_id 
_pdbx_struct_special_symmetry.auth_comp_id 
_pdbx_struct_special_symmetry.auth_seq_id 
_pdbx_struct_special_symmetry.PDB_ins_code 
_pdbx_struct_special_symmetry.label_asym_id 
_pdbx_struct_special_symmetry.label_comp_id 
_pdbx_struct_special_symmetry.label_seq_id 
1 1 A HOH 220 ? D HOH . 
2 1 A HOH 244 ? D HOH . 
3 1 A HOH 257 ? D HOH . 
4 1 A HOH 259 ? D HOH . 
# 
loop_
_space_group_symop.id 
_space_group_symop.operation_xyz 
1 x,y,z               
2 -y+1/2,x+1/2,z+3/4  
3 y+1/2,-x+1/2,z+1/4  
4 x+1/2,-y+1/2,-z+1/4 
5 -x+1/2,y+1/2,-z+3/4 
6 -x,-y,z+1/2         
7 y,x,-z              
8 -y,-x,-z+1/2        
# 
loop_
_pdbx_distant_solvent_atoms.id 
_pdbx_distant_solvent_atoms.PDB_model_num 
_pdbx_distant_solvent_atoms.auth_atom_id 
_pdbx_distant_solvent_atoms.label_alt_id 
_pdbx_distant_solvent_atoms.auth_asym_id 
_pdbx_distant_solvent_atoms.auth_comp_id 
_pdbx_distant_solvent_atoms.auth_seq_id 
_pdbx_distant_solvent_atoms.PDB_ins_code 
_pdbx_distant_solvent_atoms.neighbor_macromolecule_distance 
_pdbx_distant_solvent_atoms.neighbor_ligand_distance 
1 1 O ? A HOH 254 ? 6.84 . 
2 1 O ? A HOH 255 ? 7.40 . 
3 1 O ? A HOH 256 ? 7.58 . 
4 1 O ? A HOH 257 ? 7.69 . 
5 1 O ? A HOH 258 ? 8.51 . 
6 1 O ? A HOH 259 ? 8.91 . 
# 
loop_
_chem_comp_atom.comp_id 
_chem_comp_atom.atom_id 
_chem_comp_atom.type_symbol 
_chem_comp_atom.pdbx_aromatic_flag 
_chem_comp_atom.pdbx_stereo_config 
_chem_comp_atom.pdbx_ordinal 
CO  CO     CO N N 1   
DA  OP3    O  N N 2   
DA  P      P  N N 3   
DA  OP1    O  N N 4   
DA  OP2    O  N N 5   
DA  "O5'"  O  N N 6   
DA  "C5'"  C  N N 7   
DA  "C4'"  C  N R 8   
DA  "O4'"  O  N N 9   
DA  "C3'"  C  N S 10  
DA  "O3'"  O  N N 11  
DA  "C2'"  C  N N 12  
DA  "C1'"  C  N R 13  
DA  N9     N  Y N 14  
DA  C8     C  Y N 15  
DA  N7     N  Y N 16  
DA  C5     C  Y N 17  
DA  C6     C  Y N 18  
DA  N6     N  N N 19  
DA  N1     N  Y N 20  
DA  C2     C  Y N 21  
DA  N3     N  Y N 22  
DA  C4     C  Y N 23  
DA  HOP3   H  N N 24  
DA  HOP2   H  N N 25  
DA  "H5'"  H  N N 26  
DA  "H5''" H  N N 27  
DA  "H4'"  H  N N 28  
DA  "H3'"  H  N N 29  
DA  "HO3'" H  N N 30  
DA  "H2'"  H  N N 31  
DA  "H2''" H  N N 32  
DA  "H1'"  H  N N 33  
DA  H8     H  N N 34  
DA  H61    H  N N 35  
DA  H62    H  N N 36  
DA  H2     H  N N 37  
DC  OP3    O  N N 38  
DC  P      P  N N 39  
DC  OP1    O  N N 40  
DC  OP2    O  N N 41  
DC  "O5'"  O  N N 42  
DC  "C5'"  C  N N 43  
DC  "C4'"  C  N R 44  
DC  "O4'"  O  N N 45  
DC  "C3'"  C  N S 46  
DC  "O3'"  O  N N 47  
DC  "C2'"  C  N N 48  
DC  "C1'"  C  N R 49  
DC  N1     N  N N 50  
DC  C2     C  N N 51  
DC  O2     O  N N 52  
DC  N3     N  N N 53  
DC  C4     C  N N 54  
DC  N4     N  N N 55  
DC  C5     C  N N 56  
DC  C6     C  N N 57  
DC  HOP3   H  N N 58  
DC  HOP2   H  N N 59  
DC  "H5'"  H  N N 60  
DC  "H5''" H  N N 61  
DC  "H4'"  H  N N 62  
DC  "H3'"  H  N N 63  
DC  "HO3'" H  N N 64  
DC  "H2'"  H  N N 65  
DC  "H2''" H  N N 66  
DC  "H1'"  H  N N 67  
DC  H41    H  N N 68  
DC  H42    H  N N 69  
DC  H5     H  N N 70  
DC  H6     H  N N 71  
DG  OP3    O  N N 72  
DG  P      P  N N 73  
DG  OP1    O  N N 74  
DG  OP2    O  N N 75  
DG  "O5'"  O  N N 76  
DG  "C5'"  C  N N 77  
DG  "C4'"  C  N R 78  
DG  "O4'"  O  N N 79  
DG  "C3'"  C  N S 80  
DG  "O3'"  O  N N 81  
DG  "C2'"  C  N N 82  
DG  "C1'"  C  N R 83  
DG  N9     N  Y N 84  
DG  C8     C  Y N 85  
DG  N7     N  Y N 86  
DG  C5     C  Y N 87  
DG  C6     C  N N 88  
DG  O6     O  N N 89  
DG  N1     N  N N 90  
DG  C2     C  N N 91  
DG  N2     N  N N 92  
DG  N3     N  N N 93  
DG  C4     C  Y N 94  
DG  HOP3   H  N N 95  
DG  HOP2   H  N N 96  
DG  "H5'"  H  N N 97  
DG  "H5''" H  N N 98  
DG  "H4'"  H  N N 99  
DG  "H3'"  H  N N 100 
DG  "HO3'" H  N N 101 
DG  "H2'"  H  N N 102 
DG  "H2''" H  N N 103 
DG  "H1'"  H  N N 104 
DG  H8     H  N N 105 
DG  H1     H  N N 106 
DG  H21    H  N N 107 
DG  H22    H  N N 108 
DT  OP3    O  N N 109 
DT  P      P  N N 110 
DT  OP1    O  N N 111 
DT  OP2    O  N N 112 
DT  "O5'"  O  N N 113 
DT  "C5'"  C  N N 114 
DT  "C4'"  C  N R 115 
DT  "O4'"  O  N N 116 
DT  "C3'"  C  N S 117 
DT  "O3'"  O  N N 118 
DT  "C2'"  C  N N 119 
DT  "C1'"  C  N R 120 
DT  N1     N  N N 121 
DT  C2     C  N N 122 
DT  O2     O  N N 123 
DT  N3     N  N N 124 
DT  C4     C  N N 125 
DT  O4     O  N N 126 
DT  C5     C  N N 127 
DT  C7     C  N N 128 
DT  C6     C  N N 129 
DT  HOP3   H  N N 130 
DT  HOP2   H  N N 131 
DT  "H5'"  H  N N 132 
DT  "H5''" H  N N 133 
DT  "H4'"  H  N N 134 
DT  "H3'"  H  N N 135 
DT  "HO3'" H  N N 136 
DT  "H2'"  H  N N 137 
DT  "H2''" H  N N 138 
DT  "H1'"  H  N N 139 
DT  H3     H  N N 140 
DT  H71    H  N N 141 
DT  H72    H  N N 142 
DT  H73    H  N N 143 
DT  H6     H  N N 144 
HOH O      O  N N 145 
HOH H1     H  N N 146 
HOH H2     H  N N 147 
# 
loop_
_chem_comp_bond.comp_id 
_chem_comp_bond.atom_id_1 
_chem_comp_bond.atom_id_2 
_chem_comp_bond.value_order 
_chem_comp_bond.pdbx_aromatic_flag 
_chem_comp_bond.pdbx_stereo_config 
_chem_comp_bond.pdbx_ordinal 
DA  OP3   P      sing N N 1   
DA  OP3   HOP3   sing N N 2   
DA  P     OP1    doub N N 3   
DA  P     OP2    sing N N 4   
DA  P     "O5'"  sing N N 5   
DA  OP2   HOP2   sing N N 6   
DA  "O5'" "C5'"  sing N N 7   
DA  "C5'" "C4'"  sing N N 8   
DA  "C5'" "H5'"  sing N N 9   
DA  "C5'" "H5''" sing N N 10  
DA  "C4'" "O4'"  sing N N 11  
DA  "C4'" "C3'"  sing N N 12  
DA  "C4'" "H4'"  sing N N 13  
DA  "O4'" "C1'"  sing N N 14  
DA  "C3'" "O3'"  sing N N 15  
DA  "C3'" "C2'"  sing N N 16  
DA  "C3'" "H3'"  sing N N 17  
DA  "O3'" "HO3'" sing N N 18  
DA  "C2'" "C1'"  sing N N 19  
DA  "C2'" "H2'"  sing N N 20  
DA  "C2'" "H2''" sing N N 21  
DA  "C1'" N9     sing N N 22  
DA  "C1'" "H1'"  sing N N 23  
DA  N9    C8     sing Y N 24  
DA  N9    C4     sing Y N 25  
DA  C8    N7     doub Y N 26  
DA  C8    H8     sing N N 27  
DA  N7    C5     sing Y N 28  
DA  C5    C6     sing Y N 29  
DA  C5    C4     doub Y N 30  
DA  C6    N6     sing N N 31  
DA  C6    N1     doub Y N 32  
DA  N6    H61    sing N N 33  
DA  N6    H62    sing N N 34  
DA  N1    C2     sing Y N 35  
DA  C2    N3     doub Y N 36  
DA  C2    H2     sing N N 37  
DA  N3    C4     sing Y N 38  
DC  OP3   P      sing N N 39  
DC  OP3   HOP3   sing N N 40  
DC  P     OP1    doub N N 41  
DC  P     OP2    sing N N 42  
DC  P     "O5'"  sing N N 43  
DC  OP2   HOP2   sing N N 44  
DC  "O5'" "C5'"  sing N N 45  
DC  "C5'" "C4'"  sing N N 46  
DC  "C5'" "H5'"  sing N N 47  
DC  "C5'" "H5''" sing N N 48  
DC  "C4'" "O4'"  sing N N 49  
DC  "C4'" "C3'"  sing N N 50  
DC  "C4'" "H4'"  sing N N 51  
DC  "O4'" "C1'"  sing N N 52  
DC  "C3'" "O3'"  sing N N 53  
DC  "C3'" "C2'"  sing N N 54  
DC  "C3'" "H3'"  sing N N 55  
DC  "O3'" "HO3'" sing N N 56  
DC  "C2'" "C1'"  sing N N 57  
DC  "C2'" "H2'"  sing N N 58  
DC  "C2'" "H2''" sing N N 59  
DC  "C1'" N1     sing N N 60  
DC  "C1'" "H1'"  sing N N 61  
DC  N1    C2     sing N N 62  
DC  N1    C6     sing N N 63  
DC  C2    O2     doub N N 64  
DC  C2    N3     sing N N 65  
DC  N3    C4     doub N N 66  
DC  C4    N4     sing N N 67  
DC  C4    C5     sing N N 68  
DC  N4    H41    sing N N 69  
DC  N4    H42    sing N N 70  
DC  C5    C6     doub N N 71  
DC  C5    H5     sing N N 72  
DC  C6    H6     sing N N 73  
DG  OP3   P      sing N N 74  
DG  OP3   HOP3   sing N N 75  
DG  P     OP1    doub N N 76  
DG  P     OP2    sing N N 77  
DG  P     "O5'"  sing N N 78  
DG  OP2   HOP2   sing N N 79  
DG  "O5'" "C5'"  sing N N 80  
DG  "C5'" "C4'"  sing N N 81  
DG  "C5'" "H5'"  sing N N 82  
DG  "C5'" "H5''" sing N N 83  
DG  "C4'" "O4'"  sing N N 84  
DG  "C4'" "C3'"  sing N N 85  
DG  "C4'" "H4'"  sing N N 86  
DG  "O4'" "C1'"  sing N N 87  
DG  "C3'" "O3'"  sing N N 88  
DG  "C3'" "C2'"  sing N N 89  
DG  "C3'" "H3'"  sing N N 90  
DG  "O3'" "HO3'" sing N N 91  
DG  "C2'" "C1'"  sing N N 92  
DG  "C2'" "H2'"  sing N N 93  
DG  "C2'" "H2''" sing N N 94  
DG  "C1'" N9     sing N N 95  
DG  "C1'" "H1'"  sing N N 96  
DG  N9    C8     sing Y N 97  
DG  N9    C4     sing Y N 98  
DG  C8    N7     doub Y N 99  
DG  C8    H8     sing N N 100 
DG  N7    C5     sing Y N 101 
DG  C5    C6     sing N N 102 
DG  C5    C4     doub Y N 103 
DG  C6    O6     doub N N 104 
DG  C6    N1     sing N N 105 
DG  N1    C2     sing N N 106 
DG  N1    H1     sing N N 107 
DG  C2    N2     sing N N 108 
DG  C2    N3     doub N N 109 
DG  N2    H21    sing N N 110 
DG  N2    H22    sing N N 111 
DG  N3    C4     sing N N 112 
DT  OP3   P      sing N N 113 
DT  OP3   HOP3   sing N N 114 
DT  P     OP1    doub N N 115 
DT  P     OP2    sing N N 116 
DT  P     "O5'"  sing N N 117 
DT  OP2   HOP2   sing N N 118 
DT  "O5'" "C5'"  sing N N 119 
DT  "C5'" "C4'"  sing N N 120 
DT  "C5'" "H5'"  sing N N 121 
DT  "C5'" "H5''" sing N N 122 
DT  "C4'" "O4'"  sing N N 123 
DT  "C4'" "C3'"  sing N N 124 
DT  "C4'" "H4'"  sing N N 125 
DT  "O4'" "C1'"  sing N N 126 
DT  "C3'" "O3'"  sing N N 127 
DT  "C3'" "C2'"  sing N N 128 
DT  "C3'" "H3'"  sing N N 129 
DT  "O3'" "HO3'" sing N N 130 
DT  "C2'" "C1'"  sing N N 131 
DT  "C2'" "H2'"  sing N N 132 
DT  "C2'" "H2''" sing N N 133 
DT  "C1'" N1     sing N N 134 
DT  "C1'" "H1'"  sing N N 135 
DT  N1    C2     sing N N 136 
DT  N1    C6     sing N N 137 
DT  C2    O2     doub N N 138 
DT  C2    N3     sing N N 139 
DT  N3    C4     sing N N 140 
DT  N3    H3     sing N N 141 
DT  C4    O4     doub N N 142 
DT  C4    C5     sing N N 143 
DT  C5    C7     sing N N 144 
DT  C5    C6     doub N N 145 
DT  C7    H71    sing N N 146 
DT  C7    H72    sing N N 147 
DT  C7    H73    sing N N 148 
DT  C6    H6     sing N N 149 
HOH O     H1     sing N N 150 
HOH O     H2     sing N N 151 
# 
loop_
_ndb_struct_conf_na.entry_id 
_ndb_struct_conf_na.feature 
5ZT2 'double helix'         
5ZT2 'parallel strands'     
5ZT2 'mismatched base pair' 
5ZT2 'internal loop'        
# 
loop_
_ndb_struct_na_base_pair.model_number 
_ndb_struct_na_base_pair.i_label_asym_id 
_ndb_struct_na_base_pair.i_label_comp_id 
_ndb_struct_na_base_pair.i_label_seq_id 
_ndb_struct_na_base_pair.i_symmetry 
_ndb_struct_na_base_pair.j_label_asym_id 
_ndb_struct_na_base_pair.j_label_comp_id 
_ndb_struct_na_base_pair.j_label_seq_id 
_ndb_struct_na_base_pair.j_symmetry 
_ndb_struct_na_base_pair.shear 
_ndb_struct_na_base_pair.stretch 
_ndb_struct_na_base_pair.stagger 
_ndb_struct_na_base_pair.buckle 
_ndb_struct_na_base_pair.propeller 
_ndb_struct_na_base_pair.opening 
_ndb_struct_na_base_pair.pair_number 
_ndb_struct_na_base_pair.pair_name 
_ndb_struct_na_base_pair.i_auth_asym_id 
_ndb_struct_na_base_pair.i_auth_seq_id 
_ndb_struct_na_base_pair.i_PDB_ins_code 
_ndb_struct_na_base_pair.j_auth_asym_id 
_ndb_struct_na_base_pair.j_auth_seq_id 
_ndb_struct_na_base_pair.j_PDB_ins_code 
_ndb_struct_na_base_pair.hbond_type_28 
_ndb_struct_na_base_pair.hbond_type_12 
1 A DG 4  1_555 A DG 4  8_555 -3.475 -8.026 0.000 18.577  -40.789 -180.000 1 A_DG4:DG4_A   A 4  ? A 4  ? 4  12 
1 A DC 3  1_555 A DC 3  8_555 -1.912 -1.199 0.000 7.615   -3.644  -180.000 2 A_DC3:DC3_A   A 3  ? A 3  ? 15 2  
1 A DC 8  8_555 A DC 8  1_555 -1.689 -1.604 0.000 -1.479  -5.271  -180.000 3 A_DC8:DC8_A   A 8  ? A 8  ? 15 2  
1 A DC 2  8_555 A DC 2  1_555 -1.294 0.741  0.000 -10.008 -10.467 -180.000 4 A_DC2:DC2_A   A 2  ? A 2  ? 15 2  
1 A DC 9  8_555 A DC 9  1_555 -1.880 -1.397 0.000 -5.489  0.099   -180.000 5 A_DC9:DC9_A   A 9  ? A 9  ? 15 2  
1 A DG 10 8_555 A DG 10 1_555 -3.340 -8.028 0.000 17.567  -23.647 -180.000 6 A_DG10:DG10_A A 10 ? A 10 ? 4  12 
1 A DA 11 8_555 A DA 11 1_555 -5.602 5.257  0.000 -27.294 24.283  -180.000 7 A_DA11:DA11_A A 11 ? A 11 ? 2  7  
# 
loop_
_ndb_struct_na_base_pair_step.model_number 
_ndb_struct_na_base_pair_step.i_label_asym_id_1 
_ndb_struct_na_base_pair_step.i_label_comp_id_1 
_ndb_struct_na_base_pair_step.i_label_seq_id_1 
_ndb_struct_na_base_pair_step.i_symmetry_1 
_ndb_struct_na_base_pair_step.j_label_asym_id_1 
_ndb_struct_na_base_pair_step.j_label_comp_id_1 
_ndb_struct_na_base_pair_step.j_label_seq_id_1 
_ndb_struct_na_base_pair_step.j_symmetry_1 
_ndb_struct_na_base_pair_step.i_label_asym_id_2 
_ndb_struct_na_base_pair_step.i_label_comp_id_2 
_ndb_struct_na_base_pair_step.i_label_seq_id_2 
_ndb_struct_na_base_pair_step.i_symmetry_2 
_ndb_struct_na_base_pair_step.j_label_asym_id_2 
_ndb_struct_na_base_pair_step.j_label_comp_id_2 
_ndb_struct_na_base_pair_step.j_label_seq_id_2 
_ndb_struct_na_base_pair_step.j_symmetry_2 
_ndb_struct_na_base_pair_step.shift 
_ndb_struct_na_base_pair_step.slide 
_ndb_struct_na_base_pair_step.rise 
_ndb_struct_na_base_pair_step.tilt 
_ndb_struct_na_base_pair_step.roll 
_ndb_struct_na_base_pair_step.twist 
_ndb_struct_na_base_pair_step.x_displacement 
_ndb_struct_na_base_pair_step.y_displacement 
_ndb_struct_na_base_pair_step.helical_rise 
_ndb_struct_na_base_pair_step.inclination 
_ndb_struct_na_base_pair_step.tip 
_ndb_struct_na_base_pair_step.helical_twist 
_ndb_struct_na_base_pair_step.step_number 
_ndb_struct_na_base_pair_step.step_name 
_ndb_struct_na_base_pair_step.i_auth_asym_id_1 
_ndb_struct_na_base_pair_step.i_auth_seq_id_1 
_ndb_struct_na_base_pair_step.i_PDB_ins_code_1 
_ndb_struct_na_base_pair_step.j_auth_asym_id_1 
_ndb_struct_na_base_pair_step.j_auth_seq_id_1 
_ndb_struct_na_base_pair_step.j_PDB_ins_code_1 
_ndb_struct_na_base_pair_step.i_auth_asym_id_2 
_ndb_struct_na_base_pair_step.i_auth_seq_id_2 
_ndb_struct_na_base_pair_step.i_PDB_ins_code_2 
_ndb_struct_na_base_pair_step.j_auth_asym_id_2 
_ndb_struct_na_base_pair_step.j_auth_seq_id_2 
_ndb_struct_na_base_pair_step.j_PDB_ins_code_2 
1 A DG 4  1_555 A DG 4  8_555 A DC 3  1_555 A DC 3  8_555 0.000 0.000  -2.651 0.000    0.000    -55.294 0.000  0.001  -2.651 
-0.005  -0.010  -55.294  1 AA_DG4DC3:DC3DG4_AA     A 4  ? A 4  ? A 3  ? A 3  ? 
1 A DC 3  1_555 A DC 3  8_555 A DC 8  8_555 A DC 8  1_555 0.000 0.491  2.926  -148.420 -101.840 -74.147 -0.870 1.151  -0.491 
-64.767 -47.531 178.401  2 AA_DC3DC8:DC8DC3_AA     A 3  ? A 3  ? A 8  ? A 8  ? 
1 A DC 8  8_555 A DC 8  1_555 A DC 2  8_555 A DC 2  1_555 0.000 -2.362 -3.670 64.744   167.953  141.312 -1.504 -0.528 2.362  
-38.920 31.295  -116.292 3 AA_DC8DC2:DC2DC8_AA     A 8  ? A 8  ? A 2  ? A 2  ? 
1 A DC 2  8_555 A DC 2  1_555 A DC 9  8_555 A DC 9  1_555 0.000 -2.559 2.846  -166.129 69.290   178.275 6.035  0.091  2.559  
153.584 12.139  7.313    4 AA_DC2DC9:DC9DC2_AA     A 2  ? A 2  ? A 9  ? A 9  ? 
1 A DC 9  8_555 A DC 9  1_555 A DG 10 8_555 A DG 10 1_555 0.000 0.000  2.913  0.000    0.000    51.142  0.000  0.000  2.913  0.001 
-0.003  51.142   5 AA_DC9DG10:DG10DC9_AA   A 9  ? A 9  ? A 10 ? A 10 ? 
1 A DG 10 8_555 A DG 10 1_555 A DA 11 8_555 A DA 11 1_555 0.000 0.000  4.784  0.000    0.000    -4.300  0.000  -0.041 4.784  
-0.001  -0.037  -4.300   6 AA_DG10DA11:DA11DG10_AA A 10 ? A 10 ? A 11 ? A 11 ? 
# 
_space_group.name_H-M_alt     'P 43 21 2' 
_space_group.name_Hall        'P 4nw 2abw' 
_space_group.IT_number        96 
_space_group.crystal_system   tetragonal 
_space_group.id               1 
# 
_atom_sites.entry_id                    5ZT2 
_atom_sites.fract_transf_matrix[1][1]   -0.01340814 
_atom_sites.fract_transf_matrix[1][2]   -0.02208333 
_atom_sites.fract_transf_matrix[1][3]   -0.00377892 
_atom_sites.fract_transf_matrix[2][1]   0.00379262 
_atom_sites.fract_transf_matrix[2][2]   0.00210318 
_atom_sites.fract_transf_matrix[2][3]   -0.02574733 
_atom_sites.fract_transf_matrix[3][1]   0.01556663 
_atom_sites.fract_transf_matrix[3][2]   -0.00970813 
_atom_sites.fract_transf_matrix[3][3]   0.00149998 
_atom_sites.fract_transf_vector[1]      0.074557 
_atom_sites.fract_transf_vector[2]      0.016682 
_atom_sites.fract_transf_vector[3]      0.202018 
# 
loop_
_atom_type.symbol 
_atom_type.scat_dispersion_real 
_atom_type.scat_dispersion_imag 
_atom_type.scat_Cromer_Mann_a1 
_atom_type.scat_Cromer_Mann_a2 
_atom_type.scat_Cromer_Mann_b1 
_atom_type.scat_Cromer_Mann_b2 
_atom_type.scat_Cromer_Mann_c 
_atom_type.scat_source 
_atom_type.scat_dispersion_source 
C  ? ? 3.54356  2.42580 25.62398 1.50364  0.0 
;2-Gaussian fit: Grosse-Kunstleve RW, Sauter NK, Adams PD: Newsletter of the IUCr Commission on Crystallographic Computing 2004, 3, 22-31.
;
? 
CO ? ? 21.85313 5.04979 2.45200  36.11361 0.0 
;2-Gaussian fit: Grosse-Kunstleve RW, Sauter NK, Adams PD: Newsletter of the IUCr Commission on Crystallographic Computing 2004, 3, 22-31.
;
? 
N  ? ? 4.01032  2.96436 19.97189 1.75589  0.0 
;2-Gaussian fit: Grosse-Kunstleve RW, Sauter NK, Adams PD: Newsletter of the IUCr Commission on Crystallographic Computing 2004, 3, 22-31.
;
? 
O  ? ? 4.49882  3.47563 15.80542 1.70748  0.0 
;2-Gaussian fit: Grosse-Kunstleve RW, Sauter NK, Adams PD: Newsletter of the IUCr Commission on Crystallographic Computing 2004, 3, 22-31.
;
? 
P  ? ? 9.51135  5.44231 1.42069  35.72801 0.0 
;2-Gaussian fit: Grosse-Kunstleve RW, Sauter NK, Adams PD: Newsletter of the IUCr Commission on Crystallographic Computing 2004, 3, 22-31.
;
? 
# 
loop_
_atom_site.group_PDB 
_atom_site.id 
_atom_site.type_symbol 
_atom_site.label_atom_id 
_atom_site.label_alt_id 
_atom_site.label_comp_id 
_atom_site.label_asym_id 
_atom_site.label_entity_id 
_atom_site.label_seq_id 
_atom_site.pdbx_PDB_ins_code 
_atom_site.Cartn_x 
_atom_site.Cartn_y 
_atom_site.Cartn_z 
_atom_site.occupancy 
_atom_site.B_iso_or_equiv 
_atom_site.pdbx_formal_charge 
_atom_site.auth_seq_id 
_atom_site.auth_comp_id 
_atom_site.auth_asym_id 
_atom_site.auth_atom_id 
_atom_site.pdbx_PDB_model_num 
ATOM   1   O  "O5'" . DT  A 1 1  ? 6.63397   -6.06083  -4.92000  1.000 30.27468 ? 1   DT  A "O5'" 1 
ATOM   2   C  "C5'" . DT  A 1 1  ? 5.53540   -6.97135  -4.89760  1.000 28.48499 ? 1   DT  A "C5'" 1 
ATOM   3   C  "C4'" . DT  A 1 1  ? 5.76323   -8.08158  -3.88183  1.000 28.89820 ? 1   DT  A "C4'" 1 
ATOM   4   O  "O4'" . DT  A 1 1  ? 6.94587   -8.84217  -4.24130  1.000 27.61910 ? 1   DT  A "O4'" 1 
ATOM   5   C  "C3'" . DT  A 1 1  ? 5.98523   -7.61502  -2.44200  1.000 24.53715 ? 1   DT  A "C3'" 1 
ATOM   6   O  "O3'" . DT  A 1 1  ? 5.32519   -8.49164  -1.54807  1.000 23.87128 ? 1   DT  A "O3'" 1 
ATOM   7   C  "C2'" . DT  A 1 1  ? 7.49894   -7.70926  -2.28047  1.000 19.72079 ? 1   DT  A "C2'" 1 
ATOM   8   C  "C1'" . DT  A 1 1  ? 7.80303   -8.93163  -3.12550  1.000 21.00515 ? 1   DT  A "C1'" 1 
ATOM   9   N  N1    . DT  A 1 1  ? 9.20498   -8.97918  -3.60029  1.000 21.26044 ? 1   DT  A N1    1 
ATOM   10  C  C2    . DT  A 1 1  ? 10.05265  -9.91777  -3.07141  1.000 21.50521 ? 1   DT  A C2    1 
ATOM   11  O  O2    . DT  A 1 1  ? 9.70640   -10.72776 -2.22926  1.000 29.29035 ? 1   DT  A O2    1 
ATOM   12  N  N3    . DT  A 1 1  ? 11.32799  -9.88084  -3.56302  1.000 28.69291 ? 1   DT  A N3    1 
ATOM   13  C  C4    . DT  A 1 1  ? 11.82973  -9.01446  -4.51254  1.000 21.97895 ? 1   DT  A C4    1 
ATOM   14  O  O4    . DT  A 1 1  ? 12.99613  -9.06079  -4.89110  1.000 31.33534 ? 1   DT  A O4    1 
ATOM   15  C  C5    . DT  A 1 1  ? 10.88759  -8.04905  -5.02880  1.000 23.86602 ? 1   DT  A C5    1 
ATOM   16  C  C7    . DT  A 1 1  ? 11.31980  -7.05929  -6.06569  1.000 22.24740 ? 1   DT  A C7    1 
ATOM   17  C  C6    . DT  A 1 1  ? 9.63401   -8.07366  -4.54819  1.000 21.39993 ? 1   DT  A C6    1 
ATOM   18  P  P     . DC  A 1 2  ? 4.77805   -7.94536  -0.13897  1.000 26.50581 ? 2   DC  A P     1 
ATOM   19  O  OP1   . DC  A 1 2  ? 5.74174   -6.95640  0.38394   1.000 23.85812 ? 2   DC  A OP1   1 
ATOM   20  O  OP2   . DC  A 1 2  ? 4.42794   -9.12944  0.67815   1.000 29.69567 ? 2   DC  A OP2   1 
ATOM   21  O  "O5'" . DC  A 1 2  ? 3.44370   -7.16500  -0.53138  1.000 24.29765 ? 2   DC  A "O5'" 1 
ATOM   22  C  "C5'" . DC  A 1 2  ? 2.35294   -7.86264  -1.08977  1.000 27.91914 ? 2   DC  A "C5'" 1 
ATOM   23  C  "C4'" . DC  A 1 2  ? 1.08198   -7.04544  -0.96888  1.000 28.20601 ? 2   DC  A "C4'" 1 
ATOM   24  O  "O4'" . DC  A 1 2  ? 0.84907   -6.70341  0.42216   1.000 25.16354 ? 2   DC  A "O4'" 1 
ATOM   25  C  "C3'" . DC  A 1 2  ? 1.08541   -5.73268  -1.73630  1.000 27.08746 ? 2   DC  A "C3'" 1 
ATOM   26  O  "O3'" . DC  A 1 2  ? -0.17972  -5.52684  -2.31959  1.000 33.46454 ? 2   DC  A "O3'" 1 
ATOM   27  C  "C2'" . DC  A 1 2  ? 1.39058   -4.68723  -0.66488  1.000 23.34754 ? 2   DC  A "C2'" 1 
ATOM   28  C  "C1'" . DC  A 1 2  ? 0.76307   -5.30041  0.57784   1.000 17.89951 ? 2   DC  A "C1'" 1 
ATOM   29  N  N1    . DC  A 1 2  ? 1.48115   -4.93868  1.82359   1.000 16.89939 ? 2   DC  A N1    1 
ATOM   30  C  C2    . DC  A 1 2  ? 0.93593   -3.99339  2.69058   1.000 16.08614 ? 2   DC  A C2    1 
ATOM   31  O  O2    . DC  A 1 2  ? -0.14798  -3.46925  2.40945   1.000 17.72055 ? 2   DC  A O2    1 
ATOM   32  N  N3    . DC  A 1 2  ? 1.61449   -3.67882  3.82017   1.000 15.61766 ? 2   DC  A N3    1 
ATOM   33  C  C4    . DC  A 1 2  ? 2.78405   -4.26526  4.08551   1.000 15.46501 ? 2   DC  A C4    1 
ATOM   34  N  N4    . DC  A 1 2  ? 3.41771   -3.91967  5.20696   1.000 14.93863 ? 2   DC  A N4    1 
ATOM   35  C  C5    . DC  A 1 2  ? 3.35302   -5.23431  3.21095   1.000 16.22826 ? 2   DC  A C5    1 
ATOM   36  C  C6    . DC  A 1 2  ? 2.67323   -5.53573  2.10557   1.000 16.91255 ? 2   DC  A C6    1 
ATOM   37  P  P     . DC  A 1 3  ? -0.29078  -4.88414  -3.78125  1.000 39.26523 ? 3   DC  A P     1 
ATOM   38  O  OP1   . DC  A 1 3  ? -1.69164  -5.05157  -4.23046  1.000 47.84258 ? 3   DC  A OP1   1 
ATOM   39  O  OP2   . DC  A 1 3  ? 0.83512   -5.34725  -4.62067  1.000 35.72534 ? 3   DC  A OP2   1 
ATOM   40  O  "O5'" . DC  A 1 3  ? -0.02627  -3.34559  -3.52636  1.000 30.30627 ? 3   DC  A "O5'" 1 
ATOM   41  C  "C5'" . DC  A 1 3  ? 0.25211   -2.51460  -4.59584  1.000 21.87631 ? 3   DC  A "C5'" 1 
ATOM   42  C  "C4'" . DC  A 1 3  ? -0.11556  -1.10377  -4.23966  1.000 22.68956 ? 3   DC  A "C4'" 1 
ATOM   43  O  "O4'" . DC  A 1 3  ? 0.49922   -0.77108  -2.96891  1.000 17.91004 ? 3   DC  A "O4'" 1 
ATOM   44  C  "C3'" . DC  A 1 3  ? 0.37343   -0.05351  -5.21660  1.000 26.44264 ? 3   DC  A "C3'" 1 
ATOM   45  O  "O3'" . DC  A 1 3  ? -0.51415  1.04764   -5.19959  1.000 28.16917 ? 3   DC  A "O3'" 1 
ATOM   46  C  "C2'" . DC  A 1 3  ? 1.72586   0.31145   -4.63061  1.000 18.83647 ? 3   DC  A "C2'" 1 
ATOM   47  C  "C1'" . DC  A 1 3  ? 1.39673   0.29479   -3.15122  1.000 17.52842 ? 3   DC  A "C1'" 1 
ATOM   48  N  N1    . DC  A 1 3  ? 2.57063   0.08201   -2.27973  1.000 17.13890 ? 3   DC  A N1    1 
ATOM   49  C  C2    . DC  A 1 3  ? 2.74542   0.90494   -1.17268  1.000 15.60713 ? 3   DC  A C2    1 
ATOM   50  O  O2    . DC  A 1 3  ? 1.92197   1.79524   -0.95252  1.000 16.62831 ? 3   DC  A O2    1 
ATOM   51  N  N3    . DC  A 1 3  ? 3.82667   0.71711   -0.38075  1.000 15.52291 ? 3   DC  A N3    1 
ATOM   52  C  C4    . DC  A 1 3  ? 4.69648   -0.24701  -0.65183  1.000 15.46238 ? 3   DC  A C4    1 
ATOM   53  N  N4    . DC  A 1 3  ? 5.74271   -0.38998  0.16801   1.000 15.00706 ? 3   DC  A N4    1 
ATOM   54  C  C5    . DC  A 1 3  ? 4.53150   -1.11348  -1.77418  1.000 16.49671 ? 3   DC  A C5    1 
ATOM   55  C  C6    . DC  A 1 3  ? 3.46534   -0.90992  -2.55956  1.000 17.10995 ? 3   DC  A C6    1 
ATOM   56  P  P     . DG  A 1 4  ? -0.54948  2.06671   -6.43479  1.000 29.99833 ? 4   DG  A P     1 
ATOM   57  O  OP1   . DG  A 1 4  ? -1.84106  2.78780   -6.39071  1.000 28.09021 ? 4   DG  A OP1   1 
ATOM   58  O  OP2   . DG  A 1 4  ? -0.14898  1.32516   -7.64719  1.000 31.26691 ? 4   DG  A OP2   1 
ATOM   59  O  "O5'" . DG  A 1 4  ? 0.59829   3.11591   -6.09484  1.000 24.95299 ? 4   DG  A "O5'" 1 
ATOM   60  C  "C5'" . DG  A 1 4  ? 0.51034   3.87574   -4.90285  1.000 21.35256 ? 4   DG  A "C5'" 1 
ATOM   61  C  "C4'" . DG  A 1 4  ? 1.80199   4.61908   -4.66100  1.000 24.19501 ? 4   DG  A "C4'" 1 
ATOM   62  O  "O4'" . DG  A 1 4  ? 2.80466   3.69467   -4.16391  1.000 22.90011 ? 4   DG  A "O4'" 1 
ATOM   63  C  "C3'" . DG  A 1 4  ? 2.40487   5.26645   -5.90557  1.000 25.34514 ? 4   DG  A "C3'" 1 
ATOM   64  O  "O3'" . DG  A 1 4  ? 2.92706   6.52507   -5.57169  1.000 33.23556 ? 4   DG  A "O3'" 1 
ATOM   65  C  "C2'" . DG  A 1 4  ? 3.51496   4.29338   -6.28598  1.000 25.55833 ? 4   DG  A "C2'" 1 
ATOM   66  C  "C1'" . DG  A 1 4  ? 3.97926   3.85086   -4.91210  1.000 24.24501 ? 4   DG  A "C1'" 1 
ATOM   67  N  N9    . DG  A 1 4  ? 4.69950   2.58717   -4.91938  1.000 24.82140 ? 4   DG  A N9    1 
ATOM   68  C  C8    . DG  A 1 4  ? 4.66734   1.62293   -5.89325  1.000 27.81649 ? 4   DG  A C8    1 
ATOM   69  N  N7    . DG  A 1 4  ? 5.42110   0.59573   -5.62579  1.000 25.78467 ? 4   DG  A N7    1 
ATOM   70  C  C5    . DG  A 1 4  ? 5.99179   0.90226   -4.39815  1.000 25.81889 ? 4   DG  A C5    1 
ATOM   71  C  C6    . DG  A 1 4  ? 6.90040   0.16598   -3.60952  1.000 24.45030 ? 4   DG  A C6    1 
ATOM   72  O  O6    . DG  A 1 4  ? 7.39923   -0.94252  -3.84867  1.000 24.31607 ? 4   DG  A O6    1 
ATOM   73  N  N1    . DG  A 1 4  ? 7.22305   0.84078   -2.43093  1.000 19.82869 ? 4   DG  A N1    1 
ATOM   74  C  C2    . DG  A 1 4  ? 6.72490   2.06978   -2.06926  1.000 17.89425 ? 4   DG  A C2    1 
ATOM   75  N  N2    . DG  A 1 4  ? 7.14606   2.56407   -0.89699  1.000 19.71815 ? 4   DG  A N2    1 
ATOM   76  N  N3    . DG  A 1 4  ? 5.87197   2.76745   -2.80214  1.000 19.95239 ? 4   DG  A N3    1 
ATOM   77  C  C4    . DG  A 1 4  ? 5.55671   2.12591   -3.95259  1.000 20.60510 ? 4   DG  A C4    1 
ATOM   78  P  P     . DC  A 1 5  ? 1.96436   7.81113   -5.50501  1.000 36.06485 ? 5   DC  A P     1 
ATOM   79  O  OP1   . DC  A 1 5  ? 0.57650   7.39368   -5.81757  1.000 35.01999 ? 5   DC  A OP1   1 
ATOM   80  O  OP2   . DC  A 1 5  ? 2.63041   8.86717   -6.29416  1.000 42.17874 ? 5   DC  A OP2   1 
ATOM   81  O  "O5'" . DC  A 1 5  ? 2.03193   8.23603   -3.97167  1.000 34.49887 ? 5   DC  A "O5'" 1 
ATOM   82  C  "C5'" . DC  A 1 5  ? 3.28990   8.22858   -3.30630  1.000 37.05181 ? 5   DC  A "C5'" 1 
ATOM   83  C  "C4'" . DC  A 1 5  ? 3.14923   8.71595   -1.88271  1.000 35.02525 ? 5   DC  A "C4'" 1 
ATOM   84  O  "O4'" . DC  A 1 5  ? 4.39304   8.49193   -1.15903  1.000 39.40472 ? 5   DC  A "O4'" 1 
ATOM   85  C  "C3'" . DC  A 1 5  ? 2.84410   10.21038  -1.73257  1.000 36.35962 ? 5   DC  A "C3'" 1 
ATOM   86  O  "O3'" . DC  A 1 5  ? 1.93943   10.37825  -0.65752  1.000 33.69615 ? 5   DC  A "O3'" 1 
ATOM   87  C  "C2'" . DC  A 1 5  ? 4.21801   10.78824  -1.40287  1.000 41.68921 ? 5   DC  A "C2'" 1 
ATOM   88  C  "C1'" . DC  A 1 5  ? 4.75535   9.68713   -0.50910  1.000 43.83683 ? 5   DC  A "C1'" 1 
ATOM   89  N  N1    . DC  A 1 5  ? 6.24461   9.72137   -0.29302  1.000 48.93481 ? 5   DC  A N1    1 
ATOM   90  C  C2    . DC  A 1 5  ? 7.12258   9.33645   -1.31773  1.000 51.37195 ? 5   DC  A C2    1 
ATOM   91  O  O2    . DC  A 1 5  ? 6.66486   8.96922   -2.40489  1.000 51.51144 ? 5   DC  A O2    1 
ATOM   92  N  N3    . DC  A 1 5  ? 8.46065   9.38135   -1.08349  1.000 51.47196 ? 5   DC  A N3    1 
ATOM   93  C  C4    . DC  A 1 5  ? 8.92175   9.78636   0.10258   1.000 50.04284 ? 5   DC  A C4    1 
ATOM   94  N  N4    . DC  A 1 5  ? 10.24654  9.80992   0.28748   1.000 49.21380 ? 5   DC  A N4    1 
ATOM   95  C  C5    . DC  A 1 5  ? 8.04396   10.17953  1.15436   1.000 48.16104 ? 5   DC  A C5    1 
ATOM   96  C  C6    . DC  A 1 5  ? 6.73094   10.13589  0.91378   1.000 49.32170 ? 5   DC  A C6    1 
ATOM   97  P  P     . DC  A 1 6  ? 1.36870   11.82322  -0.24327  1.000 29.62724 ? 6   DC  A P     1 
ATOM   98  O  OP1   . DC  A 1 6  ? 0.53623   12.32799  -1.34483  1.000 21.95526 ? 6   DC  A OP1   1 
ATOM   99  O  OP2   . DC  A 1 6  ? 2.48975   12.63131  0.27384   1.000 32.82499 ? 6   DC  A OP2   1 
ATOM   100 O  "O5'" . DC  A 1 6  ? 0.43727   11.47689  1.00893   1.000 22.35531 ? 6   DC  A "O5'" 1 
ATOM   101 C  "C5'" . DC  A 1 6  ? 1.02262   10.95332  2.18512   1.000 18.51801 ? 6   DC  A "C5'" 1 
ATOM   102 C  "C4'" . DC  A 1 6  ? 0.18676   9.82046   2.75436   1.000 19.50497 ? 6   DC  A "C4'" 1 
ATOM   103 O  "O4'" . DC  A 1 6  ? -1.06381  10.34828  3.25721   1.000 22.09475 ? 6   DC  A "O4'" 1 
ATOM   104 C  "C3'" . DC  A 1 6  ? -0.19326  8.71833   1.76159   1.000 18.02585 ? 6   DC  A "C3'" 1 
ATOM   105 O  "O3'" . DC  A 1 6  ? -0.17800  7.47189   2.42056   1.000 15.28078 ? 6   DC  A "O3'" 1 
ATOM   106 C  "C2'" . DC  A 1 6  ? -1.61005  9.09930   1.37004   1.000 22.34742 ? 6   DC  A "C2'" 1 
ATOM   107 C  "C1'" . DC  A 1 6  ? -2.13280  9.62410   2.69377   1.000 21.69734 ? 6   DC  A "C1'" 1 
ATOM   108 N  N1    . DC  A 1 6  ? -3.31935  10.52533  2.55610   1.000 16.40197 ? 6   DC  A N1    1 
ATOM   109 C  C2    . DC  A 1 6  ? -4.51715  10.16131  3.15714   1.000 14.17275 ? 6   DC  A C2    1 
ATOM   110 O  O2    . DC  A 1 6  ? -4.57195  9.11011   3.79436   1.000 13.76744 ? 6   DC  A O2    1 
ATOM   111 N  N3    . DC  A 1 6  ? -5.59135  10.97283  3.02768   1.000 15.89664 ? 6   DC  A N3    1 
ATOM   112 C  C4    . DC  A 1 6  ? -5.49861  12.10645  2.33382   1.000 14.83336 ? 6   DC  A C4    1 
ATOM   113 N  N4    . DC  A 1 6  ? -6.59665  12.86138  2.23273   1.000 17.23101 ? 6   DC  A N4    1 
ATOM   114 C  C5    . DC  A 1 6  ? -4.28226  12.50170  1.70562   1.000 17.23365 ? 6   DC  A C5    1 
ATOM   115 C  C6    . DC  A 1 6  ? -3.22595  11.68649  1.83722   1.000 19.88659 ? 6   DC  A C6    1 
ATOM   116 P  P     . DG  A 1 7  ? -0.05868  6.10515   1.58925   1.000 15.09918 ? 7   DG  A P     1 
ATOM   117 O  OP1   . DG  A 1 7  ? 0.38027   5.08320   2.55612   1.000 12.59625 ? 7   DG  A OP1   1 
ATOM   118 O  OP2   . DG  A 1 7  ? 0.69177   6.33932   0.33571   1.000 13.89114 ? 7   DG  A OP2   1 
ATOM   119 O  "O5'" . DG  A 1 7  ? -1.55691  5.79478   1.13938   1.000 13.67269 ? 7   DG  A "O5'" 1 
ATOM   120 C  "C5'" . DG  A 1 7  ? -2.54043  5.44592   2.09367   1.000 13.20158 ? 7   DG  A "C5'" 1 
ATOM   121 C  "C4'" . DG  A 1 7  ? -3.90294  5.32755   1.42899   1.000 13.97010 ? 7   DG  A "C4'" 1 
ATOM   122 O  "O4'" . DG  A 1 7  ? -4.36041  6.64574   1.00077   1.000 16.29406 ? 7   DG  A "O4'" 1 
ATOM   123 C  "C3'" . DG  A 1 7  ? -3.92237  4.45796   0.17470   1.000 15.04654 ? 7   DG  A "C3'" 1 
ATOM   124 O  "O3'" . DG  A 1 7  ? -5.17066  3.78025   0.07947   1.000 15.99929 ? 7   DG  A "O3'" 1 
ATOM   125 C  "C2'" . DG  A 1 7  ? -3.77041  5.48691   -0.93982  1.000 15.68083 ? 7   DG  A "C2'" 1 
ATOM   126 C  "C1'" . DG  A 1 7  ? -4.62769  6.61359   -0.38489  1.000 15.30710 ? 7   DG  A "C1'" 1 
ATOM   127 N  N9    . DG  A 1 7  ? -4.34867  7.92700   -0.95245  1.000 18.32062 ? 7   DG  A N9    1 
ATOM   128 C  C8    . DG  A 1 7  ? -3.25991  8.31149   -1.70072  1.000 19.19441 ? 7   DG  A C8    1 
ATOM   129 N  N7    . DG  A 1 7  ? -3.30356  9.56568   -2.07625  1.000 18.25745 ? 7   DG  A N7    1 
ATOM   130 C  C5    . DG  A 1 7  ? -4.49670  10.04003  -1.53382  1.000 22.35531 ? 7   DG  A C5    1 
ATOM   131 C  C6    . DG  A 1 7  ? -5.08815  11.32811  -1.60090  1.000 23.54756 ? 7   DG  A C6    1 
ATOM   132 O  O6    . DG  A 1 7  ? -4.66076  12.34675  -2.16764  1.000 23.90550 ? 7   DG  A O6    1 
ATOM   133 N  N1    . DG  A 1 7  ? -6.29981  11.37307  -0.90867  1.000 19.42865 ? 7   DG  A N1    1 
ATOM   134 C  C2    . DG  A 1 7  ? -6.86834  10.30998  -0.24466  1.000 16.23879 ? 7   DG  A C2    1 
ATOM   135 N  N2    . DG  A 1 7  ? -8.04364  10.54397  0.36088   1.000 17.26786 ? 7   DG  A N2    1 
ATOM   136 N  N3    . DG  A 1 7  ? -6.32795  9.10072   -0.18068  1.000 15.47028 ? 7   DG  A N3    1 
ATOM   137 C  C4    . DG  A 1 7  ? -5.14572  9.04147   -0.84394  1.000 15.72820 ? 7   DG  A C4    1 
ATOM   138 P  P     . DC  A 1 8  ? -5.40615  2.38355   0.83424   1.000 22.36847 ? 8   DC  A P     1 
ATOM   139 O  OP1   . DC  A 1 8  ? -6.74362  1.89369   0.41367   1.000 20.81039 ? 8   DC  A OP1   1 
ATOM   140 O  OP2   . DC  A 1 8  ? -5.12884  2.55185   2.27306   1.000 26.00838 ? 8   DC  A OP2   1 
ATOM   141 O  "O5'" . DC  A 1 8  ? -4.27101  1.43714   0.24369   1.000 18.19429 ? 8   DC  A "O5'" 1 
ATOM   142 C  "C5'" . DC  A 1 8  ? -4.30581  1.02104   -1.11881  1.000 17.28628 ? 8   DC  A "C5'" 1 
ATOM   143 C  "C4'" . DC  A 1 8  ? -3.30183  -0.09726  -1.33810  1.000 20.81829 ? 8   DC  A "C4'" 1 
ATOM   144 O  "O4'" . DC  A 1 8  ? -1.98847  0.39621   -1.01205  1.000 21.16306 ? 8   DC  A "O4'" 1 
ATOM   145 C  "C3'" . DC  A 1 8  ? -3.53443  -1.31685  -0.46094  1.000 21.90789 ? 8   DC  A "C3'" 1 
ATOM   146 O  "O3'" . DC  A 1 8  ? -4.17318  -2.32346  -1.21833  1.000 33.60140 ? 8   DC  A "O3'" 1 
ATOM   147 C  "C2'" . DC  A 1 8  ? -2.13703  -1.76727  -0.02316  1.000 25.44779 ? 8   DC  A "C2'" 1 
ATOM   148 C  "C1'" . DC  A 1 8  ? -1.22222  -0.59761  -0.37597  1.000 20.89724 ? 8   DC  A "C1'" 1 
ATOM   149 N  N1    . DC  A 1 8  ? -0.55289  0.00895   0.80046   1.000 15.49659 ? 8   DC  A N1    1 
ATOM   150 C  C2    . DC  A 1 8  ? 0.71179   -0.44380  1.17692   1.000 18.33904 ? 8   DC  A C2    1 
ATOM   151 O  O2    . DC  A 1 8  ? 1.24309   -1.34621  0.52333   1.000 15.53081 ? 8   DC  A O2    1 
ATOM   152 N  N3    . DC  A 1 8  ? 1.31804   0.12107   2.24735   1.000 14.00431 ? 8   DC  A N3    1 
ATOM   153 C  C4    . DC  A 1 8  ? 0.71179   1.09091   2.92482   1.000 15.26762 ? 8   DC  A C4    1 
ATOM   154 N  N4    . DC  A 1 8  ? 1.35451   1.61765   3.97114   1.000 13.22264 ? 8   DC  A N4    1 
ATOM   155 C  C5    . DC  A 1 8  ? -0.58092  1.57527   2.55290   1.000 13.63058 ? 8   DC  A C5    1 
ATOM   156 C  C6    . DC  A 1 8  ? -1.16760  1.01316   1.49369   1.000 14.52279 ? 8   DC  A C6    1 
ATOM   157 P  P     . DC  A 1 9  ? -5.30919  -3.23939  -0.54780  1.000 41.44444 ? 9   DC  A P     1 
ATOM   158 O  OP1   . DC  A 1 9  ? -6.13903  -3.77007  -1.65345  1.000 41.57604 ? 9   DC  A OP1   1 
ATOM   159 O  OP2   . DC  A 1 9  ? -5.92339  -2.47031  0.55728   1.000 38.41513 ? 9   DC  A OP2   1 
ATOM   160 O  "O5'" . DC  A 1 9  ? -4.49188  -4.43912  0.11549   1.000 38.32565 ? 9   DC  A "O5'" 1 
ATOM   161 C  "C5'" . DC  A 1 9  ? -3.60274  -5.19519  -0.66612  1.000 29.46143 ? 9   DC  A "C5'" 1 
ATOM   162 C  "C4'" . DC  A 1 9  ? -2.94569  -6.27266  0.16913   1.000 29.57723 ? 9   DC  A "C4'" 1 
ATOM   163 O  "O4'" . DC  A 1 9  ? -2.33287  -5.67067  1.33787   1.000 27.71911 ? 9   DC  A "O4'" 1 
ATOM   164 C  "C3'" . DC  A 1 9  ? -3.89355  -7.35118  0.69387   1.000 34.14094 ? 9   DC  A "C3'" 1 
ATOM   165 O  "O3'" . DC  A 1 9  ? -3.29090  -8.62708  0.53948   1.000 32.96185 ? 9   DC  A "O3'" 1 
ATOM   166 C  "C2'" . DC  A 1 9  ? -4.06449  -6.98049  2.16736   1.000 32.64602 ? 9   DC  A "C2'" 1 
ATOM   167 C  "C1'" . DC  A 1 9  ? -2.69648  -6.40273  2.48401   1.000 28.39025 ? 9   DC  A "C1'" 1 
ATOM   168 N  N1    . DC  A 1 9  ? -2.69234  -5.47465  3.63739   1.000 18.23377 ? 9   DC  A N1    1 
ATOM   169 C  C2    . DC  A 1 9  ? -1.59764  -5.45140  4.50229   1.000 17.53631 ? 9   DC  A C2    1 
ATOM   170 O  O2    . DC  A 1 9  ? -0.65001  -6.20885  4.29504   1.000 18.59170 ? 9   DC  A O2    1 
ATOM   171 N  N3    . DC  A 1 9  ? -1.60065  -4.57783  5.53658   1.000 16.90729 ? 9   DC  A N3    1 
ATOM   172 C  C4    . DC  A 1 9  ? -2.64016  -3.77487  5.72792   1.000 16.38091 ? 9   DC  A C4    1 
ATOM   173 N  N4    . DC  A 1 9  ? -2.59393  -2.93702  6.76858   1.000 20.21032 ? 9   DC  A N4    1 
ATOM   174 C  C5    . DC  A 1 9  ? -3.76008  -3.77387  4.85217   1.000 17.02836 ? 9   DC  A C5    1 
ATOM   175 C  C6    . DC  A 1 9  ? -3.74491  -4.63190  3.82904   1.000 17.97584 ? 9   DC  A C6    1 
ATOM   176 P  P     . DG  A 1 10 ? -4.12595  -9.96455  0.84368   1.000 34.01460 ? 10  DG  A P     1 
ATOM   177 O  OP1   . DG  A 1 10 ? -3.46457  -11.07270 0.12247   1.000 37.34395 ? 10  DG  A OP1   1 
ATOM   178 O  OP2   . DG  A 1 10 ? -5.56356  -9.67574  0.63624   1.000 32.40389 ? 10  DG  A OP2   1 
ATOM   179 O  "O5'" . DG  A 1 10 ? -3.89477  -10.20208 2.39264   1.000 23.91866 ? 10  DG  A "O5'" 1 
ATOM   180 C  "C5'" . DG  A 1 10 ? -2.58473  -10.21397 2.90611   1.000 23.56072 ? 10  DG  A "C5'" 1 
ATOM   181 C  "C4'" . DG  A 1 10 ? -2.62434  -10.29720 4.41055   1.000 22.85537 ? 10  DG  A "C4'" 1 
ATOM   182 O  "O4'" . DG  A 1 10 ? -3.04844  -9.02104  4.95936   1.000 32.00121 ? 10  DG  A "O4'" 1 
ATOM   183 C  "C3'" . DG  A 1 10 ? -3.60424  -11.33221 4.96048   1.000 24.63716 ? 10  DG  A "C3'" 1 
ATOM   184 O  "O3'" . DG  A 1 10 ? -3.02906  -11.96428 6.06749   1.000 25.05564 ? 10  DG  A "O3'" 1 
ATOM   185 C  "C2'" . DG  A 1 10 ? -4.80572  -10.48445 5.36791   1.000 24.35818 ? 10  DG  A "C2'" 1 
ATOM   186 C  "C1'" . DG  A 1 10 ? -4.09782  -9.24484  5.87259   1.000 31.46956 ? 10  DG  A "C1'" 1 
ATOM   187 N  N9    . DG  A 1 10 ? -4.93415  -8.04988  5.94031   1.000 28.59553 ? 10  DG  A N9    1 
ATOM   188 C  C8    . DG  A 1 10 ? -6.04764  -7.75533  5.19190   1.000 25.61097 ? 10  DG  A C8    1 
ATOM   189 N  N7    . DG  A 1 10 ? -6.58012  -6.59928  5.48677   1.000 21.12095 ? 10  DG  A N7    1 
ATOM   190 C  C5    . DG  A 1 10 ? -5.76678  -6.10238  6.49595   1.000 19.99450 ? 10  DG  A C5    1 
ATOM   191 C  C6    . DG  A 1 10 ? -5.84300  -4.89048  7.21550   1.000 20.78407 ? 10  DG  A C6    1 
ATOM   192 O  O6    . DG  A 1 10 ? -6.67753  -3.97926  7.09703   1.000 26.57161 ? 10  DG  A O6    1 
ATOM   193 N  N1    . DG  A 1 10 ? -4.80458  -4.77679  8.14541   1.000 21.04463 ? 10  DG  A N1    1 
ATOM   194 C  C2    . DG  A 1 10 ? -3.82747  -5.72612  8.35376   1.000 21.78945 ? 10  DG  A C2    1 
ATOM   195 N  N2    . DG  A 1 10 ? -2.91118  -5.45388  9.29486   1.000 19.59182 ? 10  DG  A N2    1 
ATOM   196 N  N3    . DG  A 1 10 ? -3.75342  -6.86309  7.68768   1.000 19.63920 ? 10  DG  A N3    1 
ATOM   197 C  C4    . DG  A 1 10 ? -4.74757  -6.98230  6.77804   1.000 26.49265 ? 10  DG  A C4    1 
ATOM   198 P  P     . DA  A 1 11 ? -3.28505  -13.52199 6.33657   1.000 38.58884 ? 11  DA  A P     1 
ATOM   199 O  OP1   . DA  A 1 11 ? -3.42724  -14.21240 5.03726   1.000 40.19166 ? 11  DA  A OP1   1 
ATOM   200 O  OP2   . DA  A 1 11 ? -4.36580  -13.61803 7.34688   1.000 47.68730 ? 11  DA  A OP2   1 
ATOM   201 O  "O5'" . DA  A 1 11 ? -1.91936  -13.99567 7.00203   1.000 33.05660 ? 11  DA  A "O5'" 1 
ATOM   202 C  "C5'" . DA  A 1 11 ? -0.69335  -13.71187 6.36209   1.000 25.99522 ? 11  DA  A "C5'" 1 
ATOM   203 C  "C4'" . DA  A 1 11 ? 0.41531   -13.59638 7.38463   1.000 32.34598 ? 11  DA  A "C4'" 1 
ATOM   204 O  "O4'" . DA  A 1 11 ? 0.54691   -12.21600 7.79869   1.000 30.64841 ? 11  DA  A "O4'" 1 
ATOM   205 C  "C3'" . DA  A 1 11 ? 0.17027   -14.36729 8.66878   1.000 35.08052 ? 11  DA  A "C3'" 1 
ATOM   206 O  "O3'" . DA  A 1 11 ? 0.62302   -15.71280 8.52720   1.000 45.84760 ? 11  DA  A "O3'" 1 
ATOM   207 C  "C2'" . DA  A 1 11 ? 1.00909   -13.58946 9.67323   1.000 25.77941 ? 11  DA  A "C2'" 1 
ATOM   208 C  "C1'" . DA  A 1 11 ? 0.80220   -12.15593 9.19501   1.000 29.88779 ? 11  DA  A "C1'" 1 
ATOM   209 N  N9    . DA  A 1 11 ? -0.31580  -11.47825 9.84421   1.000 27.31906 ? 11  DA  A N9    1 
ATOM   210 C  C8    . DA  A 1 11 ? -1.59459  -11.34404 9.36867   1.000 23.98972 ? 11  DA  A C8    1 
ATOM   211 N  N7    . DA  A 1 11 ? -2.38962  -10.67255 10.17244  1.000 26.59793 ? 11  DA  A N7    1 
ATOM   212 C  C5    . DA  A 1 11 ? -1.57420  -10.34788 11.24798  1.000 23.37386 ? 11  DA  A C5    1 
ATOM   213 C  C6    . DA  A 1 11 ? -1.81213  -9.63889  12.44008  1.000 29.35615 ? 11  DA  A C6    1 
ATOM   214 N  N6    . DA  A 1 11 ? -2.99501  -9.10142  12.75696  1.000 27.16905 ? 11  DA  A N6    1 
ATOM   215 N  N1    . DA  A 1 11 ? -0.77945  -9.49263  13.29677  1.000 29.18245 ? 11  DA  A N1    1 
ATOM   216 C  C2    . DA  A 1 11 ? 0.40222   -10.03034 12.97868  1.000 26.12418 ? 11  DA  A C2    1 
ATOM   217 N  N3    . DA  A 1 11 ? 0.74770   -10.71432 11.88761  1.000 24.88456 ? 11  DA  A N3    1 
ATOM   218 C  C4    . DA  A 1 11 ? -0.29477  -10.84009 11.05651  1.000 23.32385 ? 11  DA  A C4    1 
HETATM 219 CO CO    . CO  B 2 .  ? 5.73227   -1.18722  -7.11692  0.861 45.55000 ? 101 CO  A CO    1 
HETATM 220 CO CO    . CO  C 2 .  ? -1.57171  10.79159  -3.54940  0.570 32.24000 ? 102 CO  A CO    1 
HETATM 221 O  O     . HOH D 3 .  ? -3.62736  2.20989   3.89109   1.000 24.67000 ? 201 HOH A O     1 
HETATM 222 O  O     . HOH D 3 .  ? -5.98551  -1.78234  2.84444   1.000 31.45000 ? 202 HOH A O     1 
HETATM 223 O  O     . HOH D 3 .  ? -6.24727  -13.87413 8.95530   1.000 30.97000 ? 203 HOH A O     1 
HETATM 224 O  O     . HOH D 3 .  ? 3.64468   -9.52863  3.08160   1.000 25.76000 ? 204 HOH A O     1 
HETATM 225 O  O     . HOH D 3 .  ? 0.68866   4.69469   -1.69847  1.000 24.30000 ? 205 HOH A O     1 
HETATM 226 O  O     . HOH D 3 .  ? -3.10920  2.98951   -4.08564  1.000 36.57000 ? 206 HOH A O     1 
HETATM 227 O  O     . HOH D 3 .  ? -8.45773  12.92120  -0.79280  1.000 27.64000 ? 207 HOH A O     1 
HETATM 228 O  O     . HOH D 3 .  ? -5.37925  14.77848  -1.34369  1.000 35.28000 ? 208 HOH A O     1 
HETATM 229 O  O     . HOH D 3 .  ? 5.12151   -4.40514  -0.19164  1.000 16.14000 ? 209 HOH A O     1 
HETATM 230 O  O     . HOH D 3 .  ? -1.99401  12.98748  -2.07336  1.000 42.15000 ? 210 HOH A O     1 
HETATM 231 O  O     . HOH D 3 .  ? -4.34930  -0.85722  6.95776   1.000 25.39000 ? 211 HOH A O     1 
HETATM 232 O  O     . HOH D 3 .  ? -3.38877  -13.77826 0.58801   1.000 38.26000 ? 212 HOH A O     1 
HETATM 233 O  O     . HOH D 3 .  ? 2.45370   1.87755   -8.34331  1.000 36.06000 ? 213 HOH A O     1 
HETATM 234 O  O     . HOH D 3 .  ? -0.00976  7.72680   -1.94612  1.000 30.04000 ? 214 HOH A O     1 
HETATM 235 O  O     . HOH D 3 .  ? -6.13014  15.42202  1.26329   1.000 21.71000 ? 215 HOH A O     1 
HETATM 236 O  O     . HOH D 3 .  ? 7.88348   -1.71794  -6.54221  1.000 30.00000 ? 216 HOH A O     1 
HETATM 237 O  O     . HOH D 3 .  ? -1.48157  3.06252   -1.91316  1.000 16.04000 ? 217 HOH A O     1 
HETATM 238 O  O     . HOH D 3 .  ? -3.82921  -2.75038  9.98486   1.000 20.55000 ? 218 HOH A O     1 
HETATM 239 O  O     . HOH D 3 .  ? 6.06915   -5.09331  5.82920   1.000 23.93000 ? 219 HOH A O     1 
HETATM 240 O  O     . HOH D 3 .  ? 7.39900   6.36137   -3.62324  0.50  30.00000 ? 220 HOH A O     1 
HETATM 241 O  O     . HOH D 3 .  ? -1.81593  5.39715   -7.93735  1.000 30.00000 ? 221 HOH A O     1 
HETATM 242 O  O     . HOH D 3 .  ? 8.43454   -8.29437  0.94916   1.000 34.66000 ? 222 HOH A O     1 
HETATM 243 O  O     . HOH D 3 .  ? -7.29308  11.53437  -3.84068  1.000 41.19000 ? 223 HOH A O     1 
HETATM 244 O  O     . HOH D 3 .  ? 12.24317  8.84992   2.46137   1.000 38.89000 ? 224 HOH A O     1 
HETATM 245 O  O     . HOH D 3 .  ? -1.50296  -1.41590  -8.24395  1.000 42.29000 ? 225 HOH A O     1 
HETATM 246 O  O     . HOH D 3 .  ? 3.85555   -1.20012  -7.66517  1.000 44.36000 ? 226 HOH A O     1 
HETATM 247 O  O     . HOH D 3 .  ? 6.94647   -10.99198 0.38082   1.000 36.56000 ? 227 HOH A O     1 
HETATM 248 O  O     . HOH D 3 .  ? 5.00954   -2.54209  -5.24402  1.000 30.44000 ? 228 HOH A O     1 
HETATM 249 O  O     . HOH D 3 .  ? 0.15502   13.00445  -4.48433  1.000 39.00000 ? 229 HOH A O     1 
HETATM 250 O  O     . HOH D 3 .  ? -2.10269  6.44875   -4.24197  1.000 30.00000 ? 230 HOH A O     1 
HETATM 251 O  O     . HOH D 3 .  ? -7.49908  2.57213   -2.69460  1.000 30.78000 ? 231 HOH A O     1 
HETATM 252 O  O     . HOH D 3 .  ? 5.71567   8.20532   -7.54875  1.000 30.00000 ? 232 HOH A O     1 
HETATM 253 O  O     . HOH D 3 .  ? -5.51423  -11.40593 -2.68002  1.000 41.85000 ? 233 HOH A O     1 
HETATM 254 O  O     . HOH D 3 .  ? -8.40490  7.97551   -2.76997  1.000 45.93000 ? 234 HOH A O     1 
HETATM 255 O  O     . HOH D 3 .  ? 4.01968   -4.66638  -3.02610  1.000 40.22000 ? 235 HOH A O     1 
HETATM 256 O  O     . HOH D 3 .  ? -2.02951  -9.47894  -2.73743  1.000 30.00000 ? 236 HOH A O     1 
HETATM 257 O  O     . HOH D 3 .  ? 0.07242   -10.68468 0.69241   1.000 30.00000 ? 237 HOH A O     1 
HETATM 258 O  O     . HOH D 3 .  ? -6.50429  6.61264   -3.53227  1.000 39.99000 ? 238 HOH A O     1 
HETATM 259 O  O     . HOH D 3 .  ? -3.04235  -1.40334  -6.32387  1.000 36.08000 ? 239 HOH A O     1 
HETATM 260 O  O     . HOH D 3 .  ? -1.79921  14.59530  1.18166   1.000 30.00000 ? 240 HOH A O     1 
HETATM 261 O  O     . HOH D 3 .  ? -2.39465  9.85108   -6.74103  1.000 30.00000 ? 241 HOH A O     1 
HETATM 262 O  O     . HOH D 3 .  ? -6.57651  -5.21937  -5.33994  1.000 30.00000 ? 242 HOH A O     1 
HETATM 263 O  O     . HOH D 3 .  ? -5.90612  3.95379   -4.02540  1.000 30.00000 ? 243 HOH A O     1 
HETATM 264 O  O     . HOH D 3 .  ? 9.10210   8.75601   -5.79919  0.436 30.00000 ? 244 HOH A O     1 
HETATM 265 O  O     . HOH D 3 .  ? 4.57638   13.70146  -3.60677  1.000 30.00000 ? 245 HOH A O     1 
HETATM 266 O  O     . HOH D 3 .  ? -8.63552  -15.12647 6.47912   1.000 30.00000 ? 246 HOH A O     1 
HETATM 267 O  O     . HOH D 3 .  ? 0.40719   16.90533  -2.01620  1.000 30.00000 ? 247 HOH A O     1 
HETATM 268 O  O     . HOH D 3 .  ? -3.21353  9.10707   -8.46992  1.000 44.71000 ? 248 HOH A O     1 
HETATM 269 O  O     . HOH D 3 .  ? -6.69660  3.70660   -6.47820  1.000 30.00000 ? 249 HOH A O     1 
HETATM 270 O  O     . HOH D 3 .  ? 3.82613   -0.23475  -11.03956 1.000 30.00000 ? 250 HOH A O     1 
HETATM 271 O  O     . HOH D 3 .  ? 1.18728   14.08444  -7.72845  1.000 47.63000 ? 251 HOH A O     1 
HETATM 272 O  O     . HOH D 3 .  ? -7.04442  0.73280   -6.82509  1.000 30.00000 ? 252 HOH A O     1 
HETATM 273 O  O     . HOH D 3 .  ? 0.68099   14.89251  -6.34975  1.000 30.00000 ? 253 HOH A O     1 
HETATM 274 O  O     . HOH D 3 .  ? -3.96793  -10.65839 -7.42207  1.000 36.36000 ? 254 HOH A O     1 
HETATM 275 O  O     . HOH D 3 .  ? -2.16779  18.13149  -6.04948  1.000 30.00000 ? 255 HOH A O     1 
HETATM 276 O  O     . HOH D 3 .  ? 9.05808   17.29387  0.11834   1.000 30.00000 ? 256 HOH A O     1 
HETATM 277 O  O     . HOH D 3 .  ? -10.00414 3.79639   -6.28776  0.376 38.19000 ? 257 HOH A O     1 
HETATM 278 O  O     . HOH D 3 .  ? -0.05797  19.92345  -5.13092  1.000 30.00000 ? 258 HOH A O     1 
HETATM 279 O  O     . HOH D 3 .  ? -10.58932 2.58044   -8.08467  0.50  30.00000 ? 259 HOH A O     1 
# 
loop_
_atom_site_anisotrop.id 
_atom_site_anisotrop.type_symbol 
_atom_site_anisotrop.pdbx_label_atom_id 
_atom_site_anisotrop.pdbx_label_alt_id 
_atom_site_anisotrop.pdbx_label_comp_id 
_atom_site_anisotrop.pdbx_label_asym_id 
_atom_site_anisotrop.pdbx_label_seq_id 
_atom_site_anisotrop.pdbx_PDB_ins_code 
_atom_site_anisotrop.U[1][1] 
_atom_site_anisotrop.U[2][2] 
_atom_site_anisotrop.U[3][3] 
_atom_site_anisotrop.U[1][2] 
_atom_site_anisotrop.U[1][3] 
_atom_site_anisotrop.U[2][3] 
_atom_site_anisotrop.pdbx_auth_seq_id 
_atom_site_anisotrop.pdbx_auth_comp_id 
_atom_site_anisotrop.pdbx_auth_asym_id 
_atom_site_anisotrop.pdbx_auth_atom_id 
1   O "O5'" . DT A 1  ? 0.59575 0.28942 0.26513 0.11476  0.05464  0.01635  1  DT A "O5'" 
2   C "C5'" . DT A 1  ? 0.57832 0.25712 0.24686 0.10856  0.04029  0.00449  1  DT A "C5'" 
3   C "C4'" . DT A 1  ? 0.58166 0.25593 0.26041 0.09868  0.04113  0.00304  1  DT A "C4'" 
4   O "O4'" . DT A 1  ? 0.57181 0.24190 0.23569 0.10828  0.04520  0.00637  1  DT A "O4'" 
5   C "C3'" . DT A 1  ? 0.51351 0.20349 0.21530 0.08779  0.05041  0.00959  1  DT A "C3'" 
6   O "O3'" . DT A 1  ? 0.50447 0.18547 0.21706 0.07603  0.04657  0.00604  1  DT A "O3'" 
7   C "C2'" . DT A 1  ? 0.45057 0.15056 0.14817 0.09572  0.06101  0.01657  1  DT A "C2'" 
8   C "C1'" . DT A 1  ? 0.48050 0.16143 0.15617 0.10388  0.05496  0.01281  1  DT A "C1'" 
9   N N1    . DT A 1  ? 0.48571 0.17175 0.15033 0.11525  0.06226  0.01895  1  DT A N1    
10  C C2    . DT A 1  ? 0.49008 0.17373 0.15329 0.11662  0.06439  0.01960  1  DT A C2    
11  O O2    . DT A 1  ? 0.58925 0.26556 0.25808 0.10984  0.06163  0.01658  1  DT A O2    
12  N N3    . DT A 1  ? 0.58082 0.27042 0.23896 0.12644  0.06978  0.02485  1  DT A N3    
13  C C4    . DT A 1  ? 0.48976 0.19067 0.15467 0.13273  0.07342  0.02859  1  DT A C4    
14  O O4    . DT A 1  ? 0.60569 0.31214 0.27277 0.13992  0.07815  0.03230  1  DT A O4    
15  C C5    . DT A 1  ? 0.51201 0.21538 0.17941 0.13137  0.07203  0.02830  1  DT A C5    
16  C C7    . DT A 1  ? 0.48688 0.19898 0.15943 0.13954  0.07774  0.03332  1  DT A C7    
17  C C6    . DT A 1  ? 0.48517 0.17984 0.14809 0.12365  0.06637  0.02383  1  DT A C6    
18  P P     . DC A 2  ? 0.52540 0.21925 0.26245 0.06227  0.05074  0.00969  2  DC A P     
19  O OP1   . DC A 2  ? 0.48092 0.19821 0.22737 0.06669  0.06069  0.01705  2  DC A OP1   
20  O OP2   . DC A 2  ? 0.56854 0.24989 0.30986 0.05398  0.05044  0.00911  2  DC A OP2   
21  O "O5'" . DC A 2  ? 0.49446 0.18789 0.24085 0.05522  0.04271  0.00261  2  DC A "O5'" 
22  C "C5'" . DC A 2  ? 0.54595 0.22339 0.29146 0.05040  0.03132  -0.00946 2  DC A "C5'" 
23  C "C4'" . DC A 2  ? 0.54143 0.22587 0.30440 0.03987  0.02488  -0.01702 2  DC A "C4'" 
24  O "O4'" . DC A 2  ? 0.49156 0.18826 0.27629 0.02596  0.03242  -0.01084 2  DC A "O4'" 
25  C "C3'" . DC A 2  ? 0.52498 0.22130 0.28292 0.04898  0.02251  -0.01620 2  DC A "C3'" 
26  O "O3'" . DC A 2  ? 0.60319 0.30051 0.36779 0.04542  0.00884  -0.02986 2  DC A "O3'" 
27  C "C2'" . DC A 2  ? 0.46132 0.18369 0.24209 0.04135  0.03240  -0.00555 2  DC A "C2'" 
28  C "C1'" . DC A 2  ? 0.38551 0.10926 0.18533 0.02444  0.03356  -0.00745 2  DC A "C1'" 
29  N N1    . DC A 2  ? 0.36259 0.10457 0.17494 0.02127  0.04499  0.00347  2  DC A N1    
30  C C2    . DC A 2  ? 0.33431 0.10306 0.17383 0.01029  0.04622  0.00354  2  DC A C2    
31  O O2    . DC A 2  ? 0.34787 0.12399 0.20144 0.00242  0.03804  -0.00452 2  DC A O2    
32  N N3    . DC A 2  ? 0.31836 0.10615 0.16890 0.00989  0.05531  0.01088  2  DC A N3    
33  C C4    . DC A 2  ? 0.32409 0.10424 0.15927 0.02032  0.06257  0.01789  2  DC A C4    
34  N N4    . DC A 2  ? 0.30626 0.10809 0.15324 0.02194  0.06954  0.02248  2  DC A N4    
35  C C5    . DC A 2  ? 0.35232 0.10404 0.16024 0.03083  0.06179  0.01857  2  DC A C5    
36  C C6    . DC A 2  ? 0.37045 0.10419 0.16796 0.03072  0.05323  0.01127  2  DC A C6    
37  P P     . DC A 3  ? 0.68420 0.38053 0.42717 0.06322  0.00013  -0.03439 3  DC A P     
38  O OP1   . DC A 3  ? 0.79042 0.48535 0.54203 0.05903  -0.01695 -0.05327 3  DC A OP1   
39  O OP2   . DC A 3  ? 0.65389 0.33733 0.36618 0.08113  0.00496  -0.02868 3  DC A OP2   
40  O "O5'" . DC A 3  ? 0.55900 0.27832 0.31417 0.06365  0.00812  -0.02161 3  DC A "O5'" 
41  C "C5'" . DC A 3  ? 0.45822 0.17840 0.19457 0.08073  0.00846  -0.01640 3  DC A "C5'" 
42  C "C4'" . DC A 3  ? 0.45359 0.19515 0.21336 0.07533  0.01091  -0.01039 3  DC A "C4'" 
43  O "O4'" . DC A 3  ? 0.37873 0.13644 0.16533 0.06280  0.02384  -0.00135 3  DC A "O4'" 
44  C "C3'" . DC A 3  ? 0.50647 0.24861 0.24962 0.09331  0.01730  0.00099  3  DC A "C3'" 
45  O "O3'" . DC A 3  ? 0.51766 0.27375 0.27889 0.09000  0.01104  -0.00039 3  DC A "O3'" 
46  C "C2'" . DC A 3  ? 0.40409 0.15368 0.15793 0.09267  0.03737  0.01612  3  DC A "C2'" 
47  C "C1'" . DC A 3  ? 0.36952 0.13686 0.15963 0.07150  0.03716  0.01217  3  DC A "C1'" 
48  N N1    . DC A 3  ? 0.35874 0.13294 0.15951 0.06835  0.05110  0.01954  3  DC A N1    
49  C C2    . DC A 3  ? 0.31924 0.11831 0.15544 0.05788  0.05809  0.02250  3  DC A C2    
50  O O2    . DC A 3  ? 0.31986 0.13386 0.17808 0.05045  0.05313  0.01977  3  DC A O2    
51  N N3    . DC A 3  ? 0.31200 0.11967 0.15813 0.05752  0.06916  0.02679  3  DC A N3    
52  C C4    . DC A 3  ? 0.32464 0.11589 0.14697 0.06640  0.07354  0.02900  3  DC A C4    
53  N N4    . DC A 3  ? 0.31106 0.11387 0.14527 0.06708  0.08290  0.03138  3  DC A N4    
54  C C5    . DC A 3  ? 0.35775 0.12398 0.14507 0.07564  0.06701  0.02641  3  DC A C5    
55  C C6    . DC A 3  ? 0.37182 0.12941 0.14887 0.07709  0.05595  0.02153  3  DC A C6    
56  P P     . DG A 4  ? 0.54964 0.30119 0.28897 0.11097  0.01148  0.00794  4  DG A P     
57  O OP1   . DG A 4  ? 0.51593 0.27882 0.27255 0.10611  -0.00286 -0.00110 4  DG A OP1   
58  O OP2   . DG A 4  ? 0.58740 0.31820 0.28240 0.13168  0.00941  0.00723  4  DG A OP2   
59  O "O5'" . DG A 4  ? 0.47701 0.23807 0.23302 0.11181  0.03417  0.02787  4  DG A "O5'" 
60  C "C5'" . DG A 4  ? 0.40918 0.19267 0.20945 0.09418  0.03919  0.02918  4  DG A "C5'" 
61  C "C4'" . DG A 4  ? 0.43744 0.22815 0.25372 0.09688  0.06140  0.04471  4  DG A "C4'" 
62  O "O4'" . DG A 4  ? 0.42241 0.21168 0.23602 0.09362  0.06953  0.04447  4  DG A "O4'" 
63  C "C3'" . DG A 4  ? 0.45871 0.24677 0.25752 0.11296  0.07268  0.05551  4  DG A "C3'" 
64  O "O3'" . DG A 4  ? 0.54010 0.34740 0.37530 0.10800  0.08741  0.06408  4  DG A "O3'" 
65  C "C2'" . DG A 4  ? 0.47010 0.25254 0.24847 0.11882  0.08138  0.05499  4  DG A "C2'" 
66  C "C1'" . DG A 4  ? 0.44080 0.23424 0.24615 0.10351  0.08423  0.05147  4  DG A "C1'" 
67  N N9    . DG A 4  ? 0.45758 0.24197 0.24355 0.10593  0.08534  0.04710  4  DG A N9    
68  C C8    . DG A 4  ? 0.51515 0.27927 0.26248 0.11805  0.07921  0.04272  4  DG A C8    
69  N N7    . DG A 4  ? 0.49337 0.25279 0.23354 0.11764  0.08193  0.03921  4  DG A N7    
70  C C5    . DG A 4  ? 0.47613 0.25464 0.25022 0.10547  0.09010  0.04139  4  DG A C5    
71  C C6    . DG A 4  ? 0.45495 0.23810 0.23595 0.10169  0.09527  0.03945  4  DG A C6    
72  O O6    . DG A 4  ? 0.46354 0.23527 0.22509 0.10621  0.09289  0.03628  4  DG A O6    
73  N N1    . DG A 4  ? 0.37741 0.18212 0.19387 0.09191  0.10176  0.04194  4  DG A N1    
74  C C2    . DG A 4  ? 0.33854 0.15791 0.18345 0.08572  0.10344  0.04487  4  DG A C2    
75  N N2    . DG A 4  ? 0.34337 0.18319 0.22264 0.07778  0.10922  0.04509  4  DG A N2    
76  N N3    . DG A 4  ? 0.36762 0.18230 0.20818 0.08800  0.09896  0.04712  4  DG A N3    
77  C C4    . DG A 4  ? 0.39528 0.18933 0.19829 0.09840  0.09230  0.04565  4  DG A C4    
78  P P     . DC A 5  ? 0.56639 0.38013 0.42378 0.10631  0.08249  0.06711  5  DC A P     
79  O OP1   . DC A 5  ? 0.56694 0.36434 0.39932 0.11184  0.06048  0.05865  5  DC A OP1   
80  O OP2   . DC A 5  ? 0.64055 0.45923 0.50283 0.11464  0.09911  0.07895  5  DC A OP2   
81  O "O5'" . DC A 5  ? 0.52270 0.35729 0.43081 0.08841  0.08566  0.06297  5  DC A "O5'" 
82  C "C5'" . DC A 5  ? 0.54153 0.39214 0.47413 0.08199  0.10103  0.06417  5  DC A "C5'" 
83  C "C4'" . DC A 5  ? 0.49212 0.36530 0.47338 0.06742  0.10112  0.05718  5  DC A "C4'" 
84  O "O4'" . DC A 5  ? 0.53583 0.42466 0.53670 0.06305  0.11317  0.05548  5  DC A "O4'" 
85  C "C3'" . DC A 5  ? 0.49003 0.38015 0.51132 0.06352  0.10498  0.05940  5  DC A "C3'" 
86  O "O3'" . DC A 5  ? 0.43984 0.34915 0.49131 0.04975  0.09236  0.04659  5  DC A "O3'" 
87  C "C2'" . DC A 5  ? 0.54096 0.44999 0.59305 0.05971  0.12321  0.06308  5  DC A "C2'" 
88  C "C1'" . DC A 5  ? 0.56713 0.48165 0.61683 0.05438  0.12069  0.05476  5  DC A "C1'" 
89  N N1    . DC A 5  ? 0.62632 0.54618 0.68680 0.05116  0.12985  0.05799  5  DC A N1    
90  C C2    . DC A 5  ? 0.67247 0.57525 0.70418 0.06153  0.14199  0.06887  5  DC A C2    
91  O O2    . DC A 5  ? 0.69151 0.57958 0.68611 0.07471  0.14471  0.07256  5  DC A O2    
92  N N3    . DC A 5  ? 0.66886 0.57286 0.71398 0.05871  0.14467  0.06888  5  DC A N3    
93  C C4    . DC A 5  ? 0.63256 0.55621 0.71263 0.04751  0.13581  0.05686  5  DC A C4    
94  N N4    . DC A 5  ? 0.61718 0.54493 0.70779 0.04640  0.13809  0.05380  5  DC A N4    
95  C C5    . DC A 5  ? 0.59479 0.53810 0.69702 0.03805  0.12255  0.04477  5  DC A C5    
96  C C6    . DC A 5  ? 0.61317 0.55331 0.70752 0.03933  0.12085  0.04676  5  DC A C6    
97  P P     . DC A 6  ? 0.36548 0.29558 0.46463 0.04332  0.09146  0.04378  6  DC A P     
98  O OP1   . DC A 6  ? 0.28205 0.19279 0.35936 0.05366  0.08529  0.05144  6  DC A OP1   
99  O OP2   . DC A 6  ? 0.38675 0.33710 0.52335 0.03735  0.10579  0.04549  6  DC A OP2   
100 O "O5'" . DC A 6  ? 0.25852 0.21374 0.37714 0.02582  0.07449  0.02542  6  DC A "O5'" 
101 C "C5'" . DC A 6  ? 0.19743 0.17307 0.33309 0.01708  0.07714  0.01695  6  DC A "C5'" 
102 C "C4'" . DC A 6  ? 0.21658 0.19296 0.33156 0.00740  0.06254  0.00686  6  DC A "C4'" 
103 O "O4'" . DC A 6  ? 0.23564 0.22981 0.37405 -0.00366 0.04970  -0.00398 6  DC A "O4'" 
104 C "C3'" . DC A 6  ? 0.22562 0.16981 0.28948 0.01381  0.05536  0.01080  6  DC A "C3'" 
105 O "O3'" . DC A 6  ? 0.19653 0.13924 0.24483 0.00719  0.05188  0.00523  6  DC A "O3'" 
106 C "C2'" . DC A 6  ? 0.28077 0.22348 0.34485 0.01044  0.04007  0.00427  6  DC A "C2'" 
107 C "C1'" . DC A 6  ? 0.24699 0.22294 0.35447 -0.00512 0.03606  -0.00756 6  DC A "C1'" 
108 N N1    . DC A 6  ? 0.16986 0.15563 0.29771 -0.00920 0.02450  -0.01474 6  DC A N1    
109 C C2    . DC A 6  ? 0.13498 0.13259 0.27094 -0.02227 0.01104  -0.02904 6  DC A C2    
110 O O2    . DC A 6  ? 0.13301 0.13129 0.25880 -0.03047 0.01062  -0.03360 6  DC A O2    
111 N N3    . DC A 6  ? 0.14687 0.15449 0.30264 -0.02535 -0.00029 -0.03725 6  DC A N3    
112 C C4    . DC A 6  ? 0.13139 0.13544 0.29676 -0.01503 0.00130  -0.03019 6  DC A C4    
113 N N4    . DC A 6  ? 0.15225 0.16589 0.33657 -0.01740 -0.01125 -0.03912 6  DC A N4    
114 C C5    . DC A 6  ? 0.16942 0.15915 0.32623 -0.00159 0.01688  -0.01342 6  DC A C5    
115 C C6    . DC A 6  ? 0.21156 0.19345 0.35059 0.00047  0.02812  -0.00699 6  DC A C6    
116 P P     . DG A 7  ? 0.22121 0.13166 0.22083 0.01480  0.04898  0.00865  7  DG A P     
117 O OP1   . DG A 7  ? 0.18957 0.10351 0.18552 0.00877  0.05177  0.00599  7  DG A OP1   
118 O OP2   . DG A 7  ? 0.22041 0.11055 0.19685 0.03154  0.05725  0.02027  7  DG A OP2   
119 O "O5'" . DG A 7  ? 0.21023 0.11125 0.19802 0.00984  0.03174  -0.00096 7  DG A "O5'" 
120 C "C5'" . DG A 7  ? 0.19373 0.10883 0.19904 -0.00635 0.02312  -0.01278 7  DG A "C5'" 
121 C "C4'" . DG A 7  ? 0.20880 0.11505 0.20695 -0.00840 0.00708  -0.02351 7  DG A "C4'" 
122 O "O4'" . DG A 7  ? 0.22904 0.14576 0.24430 -0.00408 0.00248  -0.02374 7  DG A "O4'" 
123 C "C3'" . DG A 7  ? 0.24596 0.12200 0.20374 0.00422  0.00092  -0.02368 7  DG A "C3'" 
124 O "O3'" . DG A 7  ? 0.25978 0.13096 0.21716 -0.00362 -0.01368 -0.03945 7  DG A "O3'" 
125 C "C2'" . DG A 7  ? 0.25944 0.12955 0.20681 0.02086  0.00053  -0.01601 7  DG A "C2'" 
126 C "C1'" . DG A 7  ? 0.23422 0.12854 0.21883 0.01134  -0.00528 -0.02235 7  DG A "C1'" 
127 N N9    . DG A 7  ? 0.26936 0.16599 0.26075 0.02290  -0.00045 -0.01208 7  DG A N9    
128 C C8    . DG A 7  ? 0.29079 0.17374 0.26477 0.03879  0.01330  0.00456  7  DG A C8    
129 N N7    . DG A 7  ? 0.27314 0.15968 0.26088 0.04626  0.01684  0.01221  7  DG A N7    
130 C C5    . DG A 7  ? 0.30948 0.21449 0.32543 0.03482  0.00276  -0.00130 7  DG A C5    
131 C C6    . DG A 7  ? 0.31231 0.22831 0.35408 0.03651  -0.00122 -0.00134 7  DG A C6    
132 O O6    . DG A 7  ? 0.31793 0.22737 0.36300 0.04879  0.00842  0.01255  7  DG A O6    
133 N N1    . DG A 7  ? 0.24525 0.18079 0.31217 0.02207  -0.01704 -0.01952 7  DG A N1    
134 C C2    . DG A 7  ? 0.20216 0.14488 0.26996 0.00741  -0.02558 -0.03447 7  DG A C2    
135 N N2    . DG A 7  ? 0.19913 0.16176 0.29521 -0.00555 -0.03846 -0.05095 7  DG A N2    
136 N N3    . DG A 7  ? 0.20458 0.13477 0.24845 0.00586  -0.02075 -0.03294 7  DG A N3    
137 C C4    . DG A 7  ? 0.22219 0.13449 0.24091 0.02019  -0.00754 -0.01662 7  DG A C4    
138 P P     . DC A 8  ? 0.34278 0.20700 0.30012 -0.01718 -0.01264 -0.04639 8  DC A P     
139 O OP1   . DC A 8  ? 0.32381 0.18214 0.28476 -0.02251 -0.02808 -0.06462 8  DC A OP1   
140 O OP2   . DC A 8  ? 0.37328 0.25884 0.35608 -0.03050 -0.00185 -0.04201 8  DC A OP2   
141 O "O5'" . DC A 8  ? 0.31027 0.14908 0.23195 -0.00442 -0.00542 -0.03709 8  DC A "O5'" 
142 C "C5'" . DC A 8  ? 0.31661 0.13316 0.20702 0.01114  -0.01396 -0.04080 8  DC A "C5'" 
143 C "C4'" . DC A 8  ? 0.37750 0.17279 0.24071 0.01843  -0.00639 -0.03453 8  DC A "C4'" 
144 O "O4'" . DC A 8  ? 0.38037 0.18188 0.24185 0.02418  0.00922  -0.01819 8  DC A "O4'" 
145 C "C3'" . DC A 8  ? 0.39095 0.17923 0.26222 0.00406  -0.00441 -0.03994 8  DC A "C3'" 
146 O "O3'" . DC A 8  ? 0.55000 0.31818 0.40853 0.00643  -0.01583 -0.05407 8  DC A "O3'" 
147 C "C2'" . DC A 8  ? 0.44248 0.22427 0.30016 0.00914  0.01028  -0.02559 8  DC A "C2'" 
148 C "C1'" . DC A 8  ? 0.38202 0.17519 0.23680 0.02116  0.01793  -0.01373 8  DC A "C1'" 
149 N N1    . DC A 8  ? 0.29848 0.11390 0.17642 0.01477  0.02984  -0.00512 8  DC A N1    
150 C C2    . DC A 8  ? 0.33881 0.15066 0.20733 0.02083  0.04136  0.00364  8  DC A C2    
151 O O2    . DC A 8  ? 0.31996 0.10922 0.16092 0.03041  0.04197  0.00518  8  DC A O2    
152 N N3    . DC A 8  ? 0.26866 0.10362 0.15982 0.01721  0.05037  0.00835  8  DC A N3    
153 C C4    . DC A 8  ? 0.26588 0.12634 0.18789 0.00745  0.04870  0.00476  8  DC A C4    
154 N N4    . DC A 8  ? 0.22417 0.10932 0.16891 0.00578  0.05661  0.00697  8  DC A N4    
155 C C5    . DC A 8  ? 0.24075 0.10430 0.17284 0.00024  0.03777  -0.00304 8  DC A C5    
156 C C6    . DC A 8  ? 0.26722 0.10796 0.17662 0.00450  0.02842  -0.00787 8  DC A C6    
157 P P     . DC A 9  ? 0.64241 0.40735 0.52494 -0.01249 -0.02029 -0.06876 9  DC A P     
158 O OP1   . DC A 9  ? 0.64875 0.40405 0.52690 -0.00614 -0.03613 -0.08761 9  DC A OP1   
159 O OP2   . DC A 9  ? 0.58472 0.37497 0.49991 -0.02864 -0.01669 -0.06796 9  DC A OP2   
160 O "O5'" . DC A 9  ? 0.61187 0.35927 0.48505 -0.01598 -0.00743 -0.05937 9  DC A "O5'" 
161 C "C5'" . DC A 9  ? 0.51723 0.24217 0.36000 -0.00102 -0.00672 -0.05631 9  DC A "C5'" 
162 C "C4'" . DC A 9  ? 0.52479 0.23503 0.36398 -0.00612 0.00553  -0.04716 9  DC A "C4'" 
163 O "O4'" . DC A 9  ? 0.49220 0.22087 0.34012 -0.01078 0.01835  -0.03181 9  DC A "O4'" 
164 C "C3'" . DC A 9  ? 0.57532 0.28217 0.43971 -0.02122 0.00518  -0.05559 9  DC A "C3'" 
165 O "O3'" . DC A 9  ? 0.57128 0.25793 0.42320 -0.01571 0.00889  -0.05266 9  DC A "O3'" 
166 C "C2'" . DC A 9  ? 0.54540 0.26655 0.42846 -0.03586 0.01699  -0.04553 9  DC A "C2'" 
167 C "C1'" . DC A 9  ? 0.49729 0.22213 0.35927 -0.02490 0.02639  -0.02924 9  DC A "C1'" 
168 N N1    . DC A 9  ? 0.35291 0.10650 0.23340 -0.03245 0.03383  -0.02114 9  DC A N1    
169 C C2    . DC A 9  ? 0.34441 0.10506 0.21684 -0.02667 0.04528  -0.00688 9  DC A C2    
170 O O2    . DC A 9  ? 0.37154 0.11339 0.22147 -0.01596 0.04932  -0.00040 9  DC A O2    
171 N N3    . DC A 9  ? 0.32060 0.11053 0.21127 -0.03181 0.05055  -0.00251 9  DC A N3    
172 C C4    . DC A 9  ? 0.29870 0.10914 0.21456 -0.04326 0.04554  -0.01072 9  DC A C4    
173 N N4    . DC A 9  ? 0.33111 0.17148 0.26531 -0.04722 0.05051  -0.00749 9  DC A N4    
174 C C5    . DC A 9  ? 0.30660 0.10938 0.23102 -0.04962 0.03404  -0.02447 9  DC A C5    
175 C C6    . DC A 9  ? 0.33390 0.10893 0.24017 -0.04345 0.02826  -0.02967 9  DC A C6    
176 P P     . DG A 10 ? 0.57885 0.25656 0.45699 -0.02744 0.00922  -0.06122 10 DG A P     
177 O OP1   . DG A 10 ? 0.63336 0.29042 0.49512 -0.01634 0.00757  -0.06322 10 DG A OP1   
178 O OP2   . DG A 10 ? 0.54193 0.23575 0.45351 -0.03751 -0.00093 -0.07898 10 DG A OP2   
179 O "O5'" . DG A 10 ? 0.44862 0.12719 0.33299 -0.03795 0.02569  -0.04377 10 DG A "O5'" 
180 C "C5'" . DG A 10 ? 0.45460 0.12747 0.31313 -0.02887 0.03639  -0.02638 10 DG A "C5'" 
181 C "C4'" . DG A 10 ? 0.44047 0.12023 0.30770 -0.03816 0.05038  -0.01287 10 DG A "C4'" 
182 O "O4'" . DG A 10 ? 0.54402 0.24820 0.42368 -0.04562 0.05140  -0.01267 10 DG A "O4'" 
183 C "C3'" . DG A 10 ? 0.45746 0.13006 0.34858 -0.05108 0.05497  -0.01500 10 DG A "C3'" 
184 O "O3'" . DG A 10 ? 0.46848 0.13418 0.34934 -0.04945 0.06921  0.00172  10 DG A "O3'" 
185 C "C2'" . DG A 10 ? 0.43671 0.13299 0.35581 -0.06515 0.05273  -0.02242 10 DG A "C2'" 
186 C "C1'" . DG A 10 ? 0.52538 0.23936 0.43096 -0.06079 0.05689  -0.01326 10 DG A "C1'" 
187 N N9    . DG A 10 ? 0.47295 0.21356 0.40000 -0.06948 0.05095  -0.02201 10 DG A N9    
188 C C8    . DG A 10 ? 0.42419 0.17516 0.37374 -0.07485 0.03707  -0.03873 10 DG A C8    
189 N N7    . DG A 10 ? 0.35261 0.13109 0.31880 -0.08013 0.03338  -0.04247 10 DG A N7    
190 C C5    . DG A 10 ? 0.33897 0.12579 0.29494 -0.07960 0.04618  -0.02849 10 DG A C5    
191 C C6    . DG A 10 ? 0.33447 0.15129 0.30394 -0.08365 0.04823  -0.02696 10 DG A C6    
192 O O6    . DG A 10 ? 0.39165 0.23399 0.38396 -0.08788 0.03866  -0.03641 10 DG A O6    
193 N N1    . DG A 10 ? 0.34171 0.16123 0.29665 -0.07900 0.06111  -0.01276 10 DG A N1    
194 C C2    . DG A 10 ? 0.36728 0.16468 0.29595 -0.06899 0.06956  -0.00026 10 DG A C2    
195 N N2    . DG A 10 ? 0.33702 0.15055 0.25682 -0.06005 0.07755  0.01136  10 DG A N2    
196 N N3    . DG A 10 ? 0.35541 0.12073 0.27006 -0.06627 0.06862  -0.00072 10 DG A N3    
197 C C4    . DG A 10 ? 0.43740 0.20095 0.36825 -0.07217 0.05664  -0.01567 10 DG A C4    
198 P P     . DA A 11 ? 0.64487 0.28783 0.53350 -0.05278 0.07575  0.00515  11 DA A P     
199 O OP1   . DA A 11 ? 0.66893 0.29539 0.56278 -0.04965 0.06345  -0.00979 11 DA A OP1   
200 O OP2   . DA A 11 ? 0.74920 0.40072 0.66198 -0.06758 0.08506  0.00805  11 DA A OP2   
201 O "O5'" . DA A 11 ? 0.58750 0.22188 0.44662 -0.03871 0.08546  0.02293  11 DA A "O5'" 
202 C "C5'" . DA A 11 ? 0.50662 0.14057 0.34051 -0.02304 0.07970  0.02359  11 DA A "C5'" 
203 C "C4'" . DA A 11 ? 0.59097 0.23343 0.40460 -0.01138 0.08860  0.03887  11 DA A "C4'" 
204 O "O4'" . DA A 11 ? 0.56068 0.22919 0.37463 -0.01087 0.08861  0.04010  11 DA A "O4'" 
205 C "C3'" . DA A 11 ? 0.62640 0.26383 0.44266 -0.01440 0.10115  0.05139  11 DA A "C3'" 
206 O "O3'" . DA A 11 ? 0.77360 0.38693 0.58148 -0.00803 0.10327  0.05537  11 DA A "O3'" 
207 C "C2'" . DA A 11 ? 0.50589 0.16573 0.30788 -0.00361 0.10568  0.06092  11 DA A "C2'" 
208 C "C1'" . DA A 11 ? 0.54806 0.22904 0.35849 -0.00787 0.09870  0.05219  11 DA A "C1'" 
209 N N9    . DA A 11 ? 0.50372 0.20028 0.33399 -0.02238 0.10273  0.05133  11 DA A N9    
210 C C8    . DA A 11 ? 0.45438 0.14923 0.30789 -0.03891 0.09927  0.04091  11 DA A C8    
211 N N7    . DA A 11 ? 0.47518 0.19009 0.34533 -0.04962 0.10420  0.04120  11 DA A N7    
212 C C5    . DA A 11 ? 0.43428 0.16432 0.28950 -0.03870 0.11128  0.05327  11 DA A C5    
213 C C6    . DA A 11 ? 0.49913 0.25584 0.36042 -0.04083 0.11805  0.05852  11 DA A C6    
214 N N6    . DA A 11 ? 0.45803 0.23068 0.34359 -0.05667 0.12001  0.05264  11 DA A N6    
215 N N1    . DA A 11 ? 0.49837 0.26863 0.34179 -0.02465 0.12131  0.06793  11 DA A N1    
216 C C2    . DA A 11 ? 0.47070 0.22815 0.29375 -0.00851 0.11813  0.07125  11 DA A C2    
217 N N3    . DA A 11 ? 0.46573 0.19826 0.28151 -0.00599 0.11279  0.06742  11 DA A N3    
218 C C4    . DA A 11 ? 0.44507 0.16450 0.27663 -0.02146 0.10963  0.05884  11 DA A C4    
# 
